data_8C9T
#
_entry.id   8C9T
#
_cell.length_a   46.457
_cell.length_b   168.744
_cell.length_c   57.242
_cell.angle_alpha   90.000
_cell.angle_beta   101.487
_cell.angle_gamma   90.000
#
_symmetry.space_group_name_H-M   'P 1 21 1'
#
loop_
_entity.id
_entity.type
_entity.pdbx_description
1 polymer 'Putative O-methyltransferase'
2 non-polymer GLYCEROL
3 water water
#
_entity_poly.entity_id   1
_entity_poly.type   'polypeptide(L)'
_entity_poly.pdbx_seq_one_letter_code
;MSESQQLWDDVDDYFTTLLAPEDEALTAALRDSDAAGLPHINVAPNQGKLLQLLAEIQGARRILEIGTLGGYSTIWLGRA
LPRDGRLISFEYDAKHAEVARRNLARAGLDGISEVRVGPALESLPKLADERPEPFDLVFIDADKVNNPHYVEWALKLTRP
GSLIVVDNVVRGGGVTDAGSTDPSVRGTRSALELIAEHPKLSGTAVQTVGSKGYDGFALARVLPLEHHHHHH
;
_entity_poly.pdbx_strand_id   A,B,C,D
#
loop_
_chem_comp.id
_chem_comp.type
_chem_comp.name
_chem_comp.formula
GOL non-polymer GLYCEROL 'C3 H8 O3'
#
# COMPACT_ATOMS: atom_id res chain seq x y z
N SER A 2 -5.75 16.43 -8.91
CA SER A 2 -7.20 16.37 -9.13
C SER A 2 -7.57 17.19 -10.37
N GLU A 3 -6.95 18.34 -10.66
CA GLU A 3 -7.35 19.07 -11.89
C GLU A 3 -6.86 18.25 -13.10
N SER A 4 -5.67 17.62 -13.06
CA SER A 4 -5.17 16.79 -14.19
C SER A 4 -6.02 15.50 -14.29
N GLN A 5 -6.38 14.92 -13.16
CA GLN A 5 -7.30 13.76 -13.11
C GLN A 5 -8.64 14.15 -13.73
N GLN A 6 -9.11 15.37 -13.51
CA GLN A 6 -10.42 15.78 -14.03
C GLN A 6 -10.35 15.78 -15.57
N LEU A 7 -9.26 16.24 -16.12
CA LEU A 7 -9.09 16.27 -17.61
C LEU A 7 -9.12 14.81 -18.11
N TRP A 8 -8.30 13.97 -17.48
CA TRP A 8 -8.28 12.53 -17.84
C TRP A 8 -9.66 11.90 -17.73
N ASP A 9 -10.42 12.21 -16.67
CA ASP A 9 -11.80 11.74 -16.46
C ASP A 9 -12.68 12.22 -17.62
N ASP A 10 -12.54 13.48 -18.00
CA ASP A 10 -13.42 14.08 -19.03
C ASP A 10 -13.18 13.36 -20.36
N VAL A 11 -11.92 13.12 -20.71
CA VAL A 11 -11.57 12.50 -22.02
C VAL A 11 -12.04 11.04 -21.98
N ASP A 12 -11.82 10.33 -20.89
CA ASP A 12 -12.31 8.93 -20.81
C ASP A 12 -13.83 8.86 -20.84
N ASP A 13 -14.51 9.83 -20.20
CA ASP A 13 -15.98 9.83 -20.22
C ASP A 13 -16.47 10.02 -21.68
N TYR A 14 -15.80 10.89 -22.42
CA TYR A 14 -16.12 11.14 -23.84
C TYR A 14 -15.94 9.85 -24.65
N PHE A 15 -14.79 9.22 -24.50
CA PHE A 15 -14.48 8.01 -25.27
C PHE A 15 -15.41 6.89 -24.85
N THR A 16 -15.68 6.76 -23.56
CA THR A 16 -16.61 5.69 -23.08
C THR A 16 -18.03 5.89 -23.64
N THR A 17 -18.57 7.08 -23.48
CA THR A 17 -19.97 7.39 -23.86
C THR A 17 -20.10 7.15 -25.37
N LEU A 18 -19.09 7.52 -26.16
CA LEU A 18 -19.18 7.42 -27.62
C LEU A 18 -18.92 6.01 -28.13
N LEU A 19 -17.80 5.39 -27.71
CA LEU A 19 -17.25 4.19 -28.35
C LEU A 19 -17.44 2.93 -27.50
N ALA A 20 -17.55 3.03 -26.19
CA ALA A 20 -17.41 1.85 -25.31
C ALA A 20 -18.38 1.96 -24.15
N PRO A 21 -19.67 2.25 -24.37
CA PRO A 21 -20.56 2.44 -23.24
C PRO A 21 -20.77 1.14 -22.44
N GLU A 22 -21.02 1.33 -21.14
CA GLU A 22 -21.30 0.25 -20.18
C GLU A 22 -22.79 -0.05 -20.21
N ASP A 23 -23.11 -1.30 -20.37
CA ASP A 23 -24.51 -1.76 -20.25
C ASP A 23 -24.83 -2.02 -18.77
N GLU A 24 -26.07 -2.44 -18.51
CA GLU A 24 -26.58 -2.67 -17.15
C GLU A 24 -25.69 -3.70 -16.45
N ALA A 25 -25.29 -4.77 -17.13
CA ALA A 25 -24.52 -5.83 -16.42
C ALA A 25 -23.20 -5.24 -15.93
N LEU A 26 -22.54 -4.39 -16.70
CA LEU A 26 -21.26 -3.78 -16.26
C LEU A 26 -21.48 -2.79 -15.12
N THR A 27 -22.49 -1.93 -15.18
CA THR A 27 -22.72 -0.97 -14.09
C THR A 27 -23.22 -1.70 -12.84
N ALA A 28 -24.02 -2.75 -12.99
CA ALA A 28 -24.50 -3.57 -11.84
C ALA A 28 -23.26 -4.19 -11.17
N ALA A 29 -22.31 -4.67 -11.98
CA ALA A 29 -21.14 -5.37 -11.44
C ALA A 29 -20.37 -4.40 -10.54
N LEU A 30 -20.22 -3.15 -10.98
CA LEU A 30 -19.53 -2.13 -10.13
C LEU A 30 -20.33 -1.88 -8.86
N ARG A 31 -21.65 -1.74 -8.96
CA ARG A 31 -22.49 -1.50 -7.77
C ARG A 31 -22.29 -2.64 -6.77
N ASP A 32 -22.36 -3.90 -7.22
CA ASP A 32 -22.24 -5.11 -6.36
C ASP A 32 -20.84 -5.15 -5.77
N SER A 33 -19.82 -4.81 -6.53
N SER A 33 -19.82 -4.83 -6.55
CA SER A 33 -18.41 -4.83 -6.06
CA SER A 33 -18.42 -4.81 -6.08
C SER A 33 -18.25 -3.81 -4.93
C SER A 33 -18.29 -3.81 -4.92
N ASP A 34 -18.72 -2.58 -5.16
CA ASP A 34 -18.67 -1.50 -4.14
C ASP A 34 -19.45 -1.94 -2.89
N ALA A 35 -20.64 -2.49 -3.07
CA ALA A 35 -21.50 -2.86 -1.92
C ALA A 35 -20.87 -4.01 -1.13
N ALA A 36 -20.01 -4.83 -1.75
CA ALA A 36 -19.29 -5.97 -1.11
C ALA A 36 -18.02 -5.50 -0.41
N GLY A 37 -17.70 -4.22 -0.53
CA GLY A 37 -16.51 -3.62 0.10
C GLY A 37 -15.24 -3.87 -0.69
N LEU A 38 -15.32 -4.24 -1.98
CA LEU A 38 -14.10 -4.29 -2.87
C LEU A 38 -13.65 -2.85 -3.15
N PRO A 39 -12.34 -2.54 -3.35
CA PRO A 39 -11.92 -1.16 -3.55
C PRO A 39 -12.67 -0.53 -4.72
N HIS A 40 -13.23 0.67 -4.51
CA HIS A 40 -13.89 1.44 -5.58
C HIS A 40 -12.79 1.83 -6.58
N ILE A 41 -12.90 1.36 -7.81
CA ILE A 41 -11.97 1.75 -8.91
C ILE A 41 -12.80 2.56 -9.91
N ASN A 42 -12.38 3.80 -10.20
CA ASN A 42 -13.04 4.64 -11.24
C ASN A 42 -12.66 4.02 -12.58
N VAL A 43 -13.24 2.84 -12.86
CA VAL A 43 -12.93 1.97 -14.02
C VAL A 43 -12.93 2.82 -15.30
N ALA A 44 -12.28 2.31 -16.35
CA ALA A 44 -12.23 2.89 -17.70
C ALA A 44 -12.89 1.87 -18.64
N PRO A 45 -14.19 2.03 -18.92
CA PRO A 45 -14.90 1.12 -19.82
C PRO A 45 -14.15 1.06 -21.16
N ASN A 46 -13.55 2.17 -21.54
CA ASN A 46 -12.86 2.21 -22.85
C ASN A 46 -11.58 1.37 -22.81
N GLN A 47 -10.89 1.19 -21.69
CA GLN A 47 -9.77 0.24 -21.55
C GLN A 47 -10.28 -1.20 -21.48
N GLY A 48 -11.45 -1.42 -20.86
CA GLY A 48 -12.08 -2.74 -20.89
C GLY A 48 -12.36 -3.15 -22.33
N LYS A 49 -12.87 -2.20 -23.12
CA LYS A 49 -13.16 -2.52 -24.52
C LYS A 49 -11.87 -2.80 -25.29
N LEU A 50 -10.79 -2.10 -24.96
CA LEU A 50 -9.49 -2.40 -25.58
C LEU A 50 -9.11 -3.85 -25.28
N LEU A 51 -9.31 -4.35 -24.06
CA LEU A 51 -9.03 -5.79 -23.73
C LEU A 51 -9.91 -6.71 -24.57
N GLN A 52 -11.19 -6.37 -24.69
CA GLN A 52 -12.15 -7.17 -25.48
C GLN A 52 -11.65 -7.22 -26.92
N LEU A 53 -11.29 -6.08 -27.48
CA LEU A 53 -10.93 -6.00 -28.91
C LEU A 53 -9.61 -6.75 -29.12
N LEU A 54 -8.67 -6.64 -28.17
CA LEU A 54 -7.39 -7.39 -28.31
C LEU A 54 -7.74 -8.89 -28.42
N ALA A 55 -8.64 -9.39 -27.57
CA ALA A 55 -9.02 -10.80 -27.61
C ALA A 55 -9.68 -11.11 -28.96
N GLU A 56 -10.57 -10.26 -29.43
CA GLU A 56 -11.30 -10.55 -30.69
C GLU A 56 -10.36 -10.49 -31.89
N ILE A 57 -9.45 -9.54 -31.89
CA ILE A 57 -8.42 -9.38 -32.96
C ILE A 57 -7.58 -10.67 -32.98
N GLN A 58 -7.16 -11.14 -31.81
CA GLN A 58 -6.30 -12.34 -31.73
C GLN A 58 -7.03 -13.60 -32.19
N GLY A 59 -8.37 -13.63 -32.11
CA GLY A 59 -9.23 -14.78 -32.39
C GLY A 59 -9.40 -15.68 -31.19
N ALA A 60 -9.40 -15.09 -30.00
CA ALA A 60 -9.32 -15.89 -28.76
C ALA A 60 -10.57 -16.76 -28.59
N ARG A 61 -10.36 -18.01 -28.19
CA ARG A 61 -11.42 -18.94 -27.79
C ARG A 61 -11.32 -19.30 -26.30
N ARG A 62 -10.14 -19.23 -25.74
CA ARG A 62 -9.83 -19.65 -24.38
C ARG A 62 -9.07 -18.51 -23.71
N ILE A 63 -9.58 -18.03 -22.60
CA ILE A 63 -8.95 -16.91 -21.85
C ILE A 63 -8.73 -17.38 -20.42
N LEU A 64 -7.57 -16.98 -19.91
CA LEU A 64 -7.22 -17.17 -18.49
C LEU A 64 -7.02 -15.80 -17.87
N GLU A 65 -7.67 -15.55 -16.75
CA GLU A 65 -7.51 -14.26 -16.06
C GLU A 65 -6.99 -14.51 -14.65
N ILE A 66 -6.00 -13.74 -14.26
CA ILE A 66 -5.40 -13.87 -12.90
C ILE A 66 -5.75 -12.60 -12.14
N GLY A 67 -6.67 -12.72 -11.19
CA GLY A 67 -7.12 -11.57 -10.39
C GLY A 67 -8.52 -11.13 -10.76
N THR A 68 -9.54 -11.92 -10.47
CA THR A 68 -10.92 -11.62 -10.93
C THR A 68 -11.45 -10.31 -10.34
N LEU A 69 -11.19 -10.07 -9.04
CA LEU A 69 -11.90 -9.07 -8.19
C LEU A 69 -13.41 -9.30 -8.32
N GLY A 70 -14.18 -8.34 -8.82
CA GLY A 70 -15.64 -8.44 -8.93
C GLY A 70 -16.07 -8.88 -10.30
N GLY A 71 -15.12 -9.20 -11.20
CA GLY A 71 -15.48 -9.72 -12.53
C GLY A 71 -15.73 -8.64 -13.57
N TYR A 72 -15.31 -7.43 -13.35
CA TYR A 72 -15.53 -6.33 -14.30
C TYR A 72 -14.71 -6.56 -15.57
N SER A 73 -13.41 -6.70 -15.46
CA SER A 73 -12.55 -7.05 -16.62
CA SER A 73 -12.57 -7.03 -16.64
C SER A 73 -13.03 -8.36 -17.21
N THR A 74 -13.46 -9.29 -16.35
CA THR A 74 -13.86 -10.64 -16.78
C THR A 74 -15.03 -10.54 -17.76
N ILE A 75 -15.96 -9.61 -17.51
CA ILE A 75 -17.13 -9.44 -18.41
C ILE A 75 -16.64 -8.94 -19.77
N TRP A 76 -15.80 -7.92 -19.78
CA TRP A 76 -15.21 -7.42 -21.05
C TRP A 76 -14.52 -8.56 -21.79
N LEU A 77 -13.69 -9.32 -21.10
CA LEU A 77 -12.98 -10.45 -21.76
C LEU A 77 -13.97 -11.49 -22.25
N GLY A 78 -14.91 -11.88 -21.43
CA GLY A 78 -15.84 -12.95 -21.79
C GLY A 78 -16.67 -12.57 -23.03
N ARG A 79 -16.99 -11.28 -23.18
CA ARG A 79 -17.77 -10.81 -24.35
C ARG A 79 -17.01 -10.93 -25.65
N ALA A 80 -15.69 -11.10 -25.60
CA ALA A 80 -14.91 -11.41 -26.83
C ALA A 80 -15.14 -12.83 -27.32
N LEU A 81 -15.60 -13.75 -26.50
CA LEU A 81 -15.56 -15.19 -26.81
C LEU A 81 -16.76 -15.61 -27.62
N PRO A 82 -16.55 -16.65 -28.45
CA PRO A 82 -17.63 -17.33 -29.13
C PRO A 82 -18.43 -18.14 -28.12
N ARG A 83 -19.57 -18.66 -28.56
CA ARG A 83 -20.53 -19.31 -27.66
C ARG A 83 -19.95 -20.56 -27.02
N ASP A 84 -18.97 -21.18 -27.69
CA ASP A 84 -18.25 -22.36 -27.16
C ASP A 84 -16.85 -21.97 -26.66
N GLY A 85 -16.65 -20.69 -26.40
CA GLY A 85 -15.38 -20.23 -25.78
C GLY A 85 -15.34 -20.61 -24.31
N ARG A 86 -14.18 -20.43 -23.69
CA ARG A 86 -14.04 -20.72 -22.24
C ARG A 86 -13.18 -19.64 -21.60
N LEU A 87 -13.60 -19.14 -20.44
CA LEU A 87 -12.85 -18.19 -19.64
C LEU A 87 -12.70 -18.78 -18.24
N ILE A 88 -11.47 -18.88 -17.79
CA ILE A 88 -11.17 -19.32 -16.41
C ILE A 88 -10.52 -18.12 -15.72
N SER A 89 -11.02 -17.78 -14.55
CA SER A 89 -10.52 -16.61 -13.80
C SER A 89 -10.21 -17.04 -12.37
N PHE A 90 -9.11 -16.53 -11.87
CA PHE A 90 -8.59 -16.85 -10.52
C PHE A 90 -8.81 -15.70 -9.57
N GLU A 91 -9.41 -15.99 -8.45
CA GLU A 91 -9.66 -15.03 -7.38
C GLU A 91 -9.23 -15.64 -6.06
N TYR A 92 -8.44 -14.91 -5.25
CA TYR A 92 -7.93 -15.50 -4.00
C TYR A 92 -9.01 -15.56 -2.93
N ASP A 93 -9.92 -14.61 -2.95
CA ASP A 93 -10.89 -14.38 -1.87
C ASP A 93 -12.22 -15.03 -2.22
N ALA A 94 -12.72 -15.93 -1.38
CA ALA A 94 -13.92 -16.69 -1.75
C ALA A 94 -15.12 -15.74 -1.80
N LYS A 95 -15.15 -14.66 -1.04
CA LYS A 95 -16.27 -13.67 -1.06
C LYS A 95 -16.18 -12.85 -2.36
N HIS A 96 -15.00 -12.46 -2.81
CA HIS A 96 -14.85 -11.74 -4.09
C HIS A 96 -15.26 -12.68 -5.20
N ALA A 97 -14.85 -13.96 -5.12
CA ALA A 97 -15.24 -14.95 -6.14
C ALA A 97 -16.75 -15.04 -6.26
N GLU A 98 -17.47 -14.99 -5.15
CA GLU A 98 -18.95 -15.12 -5.27
C GLU A 98 -19.50 -13.85 -5.91
N VAL A 99 -18.97 -12.68 -5.60
CA VAL A 99 -19.36 -11.42 -6.26
C VAL A 99 -19.11 -11.56 -7.76
N ALA A 100 -17.95 -12.04 -8.17
CA ALA A 100 -17.61 -12.14 -9.60
C ALA A 100 -18.55 -13.12 -10.26
N ARG A 101 -18.83 -14.25 -9.63
CA ARG A 101 -19.73 -15.24 -10.31
C ARG A 101 -21.11 -14.63 -10.49
N ARG A 102 -21.65 -13.93 -9.48
CA ARG A 102 -22.99 -13.30 -9.63
C ARG A 102 -22.92 -12.31 -10.79
N ASN A 103 -21.86 -11.52 -10.88
CA ASN A 103 -21.68 -10.48 -11.92
C ASN A 103 -21.60 -11.13 -13.30
N LEU A 104 -20.90 -12.23 -13.39
CA LEU A 104 -20.79 -12.97 -14.67
C LEU A 104 -22.13 -13.60 -15.04
N ALA A 105 -22.88 -14.11 -14.09
CA ALA A 105 -24.20 -14.73 -14.37
C ALA A 105 -25.13 -13.63 -14.87
N ARG A 106 -25.11 -12.48 -14.24
CA ARG A 106 -25.97 -11.37 -14.71
C ARG A 106 -25.65 -11.04 -16.16
N ALA A 107 -24.37 -11.05 -16.55
CA ALA A 107 -23.93 -10.74 -17.92
C ALA A 107 -24.20 -11.93 -18.87
N GLY A 108 -24.76 -13.04 -18.41
CA GLY A 108 -25.04 -14.23 -19.23
C GLY A 108 -23.76 -14.94 -19.67
N LEU A 109 -22.76 -14.89 -18.81
CA LEU A 109 -21.43 -15.48 -19.13
C LEU A 109 -21.15 -16.67 -18.23
N ASP A 110 -22.10 -17.10 -17.42
CA ASP A 110 -21.90 -18.22 -16.47
C ASP A 110 -21.74 -19.56 -17.22
N GLY A 111 -22.25 -19.69 -18.45
CA GLY A 111 -22.14 -20.94 -19.21
C GLY A 111 -20.76 -21.16 -19.79
N ILE A 112 -19.95 -20.11 -19.91
CA ILE A 112 -18.61 -20.19 -20.55
C ILE A 112 -17.50 -19.80 -19.57
N SER A 113 -17.84 -19.43 -18.35
CA SER A 113 -16.80 -18.93 -17.42
CA SER A 113 -16.85 -18.88 -17.40
C SER A 113 -16.75 -19.79 -16.17
N GLU A 114 -15.56 -19.84 -15.58
CA GLU A 114 -15.37 -20.48 -14.27
C GLU A 114 -14.47 -19.56 -13.46
N VAL A 115 -14.88 -19.30 -12.24
CA VAL A 115 -14.08 -18.56 -11.26
C VAL A 115 -13.57 -19.54 -10.22
N ARG A 116 -12.26 -19.70 -10.17
CA ARG A 116 -11.61 -20.65 -9.24
C ARG A 116 -11.08 -19.89 -8.05
N VAL A 117 -11.35 -20.38 -6.86
CA VAL A 117 -10.90 -19.78 -5.58
C VAL A 117 -9.53 -20.28 -5.17
N GLY A 118 -8.74 -19.33 -4.68
CA GLY A 118 -7.51 -19.64 -3.97
C GLY A 118 -6.38 -18.75 -4.44
N PRO A 119 -5.27 -18.77 -3.70
CA PRO A 119 -4.14 -17.97 -4.16
C PRO A 119 -3.71 -18.44 -5.55
N ALA A 120 -3.38 -17.51 -6.44
CA ALA A 120 -3.01 -17.86 -7.82
C ALA A 120 -1.75 -18.71 -7.86
N LEU A 121 -0.83 -18.58 -6.90
CA LEU A 121 0.39 -19.43 -6.90
C LEU A 121 0.02 -20.89 -6.67
N GLU A 122 -1.15 -21.16 -6.11
CA GLU A 122 -1.65 -22.54 -5.94
C GLU A 122 -2.64 -22.88 -7.03
N SER A 123 -3.51 -21.96 -7.46
CA SER A 123 -4.49 -22.31 -8.50
C SER A 123 -3.84 -22.54 -9.85
N LEU A 124 -2.75 -21.85 -10.18
CA LEU A 124 -2.07 -22.06 -11.46
C LEU A 124 -1.57 -23.49 -11.53
N PRO A 125 -0.77 -24.02 -10.59
CA PRO A 125 -0.31 -25.40 -10.71
C PRO A 125 -1.50 -26.36 -10.66
N LYS A 126 -2.55 -26.06 -9.91
CA LYS A 126 -3.71 -27.00 -9.88
C LYS A 126 -4.29 -27.10 -11.31
N LEU A 127 -4.45 -25.98 -12.01
CA LEU A 127 -4.93 -26.02 -13.41
C LEU A 127 -3.92 -26.76 -14.26
N ALA A 128 -2.63 -26.47 -14.09
CA ALA A 128 -1.60 -27.20 -14.86
C ALA A 128 -1.71 -28.71 -14.63
N ASP A 129 -2.03 -29.15 -13.41
CA ASP A 129 -2.13 -30.60 -13.11
C ASP A 129 -3.11 -31.22 -14.14
N GLU A 130 -4.13 -30.49 -14.58
CA GLU A 130 -5.21 -31.01 -15.43
C GLU A 130 -4.77 -31.13 -16.89
N ARG A 131 -3.58 -30.64 -17.24
CA ARG A 131 -3.07 -30.61 -18.62
C ARG A 131 -4.10 -30.00 -19.56
N PRO A 132 -4.50 -28.73 -19.32
CA PRO A 132 -5.55 -28.12 -20.13
C PRO A 132 -5.09 -27.81 -21.57
N GLU A 133 -6.06 -27.76 -22.46
CA GLU A 133 -5.86 -27.09 -23.76
C GLU A 133 -5.27 -25.71 -23.48
N PRO A 134 -4.29 -25.25 -24.27
CA PRO A 134 -3.68 -23.94 -24.03
C PRO A 134 -4.71 -22.80 -24.13
N PHE A 135 -4.35 -21.69 -23.51
CA PHE A 135 -5.12 -20.44 -23.53
C PHE A 135 -4.58 -19.51 -24.59
N ASP A 136 -5.47 -18.76 -25.21
CA ASP A 136 -5.18 -17.80 -26.29
C ASP A 136 -4.78 -16.45 -25.73
N LEU A 137 -5.33 -16.08 -24.57
CA LEU A 137 -5.01 -14.78 -23.92
C LEU A 137 -4.95 -15.03 -22.42
N VAL A 138 -3.89 -14.58 -21.80
CA VAL A 138 -3.79 -14.60 -20.33
C VAL A 138 -3.71 -13.15 -19.87
N PHE A 139 -4.62 -12.72 -19.03
CA PHE A 139 -4.66 -11.34 -18.49
C PHE A 139 -4.24 -11.45 -17.03
N ILE A 140 -3.15 -10.79 -16.70
CA ILE A 140 -2.56 -10.84 -15.35
C ILE A 140 -2.75 -9.49 -14.69
N ASP A 141 -3.52 -9.44 -13.61
CA ASP A 141 -3.93 -8.19 -12.88
C ASP A 141 -4.23 -8.52 -11.41
N ALA A 142 -3.21 -8.98 -10.72
CA ALA A 142 -3.26 -9.53 -9.35
C ALA A 142 -2.18 -8.84 -8.52
N ASP A 143 -1.48 -9.58 -7.69
CA ASP A 143 -0.38 -9.15 -6.83
C ASP A 143 0.94 -9.16 -7.60
N LYS A 144 1.54 -8.00 -7.73
CA LYS A 144 2.79 -7.89 -8.53
C LYS A 144 3.98 -8.62 -7.95
N VAL A 145 4.07 -8.82 -6.63
CA VAL A 145 5.19 -9.60 -6.05
C VAL A 145 5.29 -10.91 -6.81
N ASN A 146 4.16 -11.50 -7.17
CA ASN A 146 4.18 -12.83 -7.80
C ASN A 146 3.95 -12.76 -9.30
N ASN A 147 3.92 -11.60 -9.93
CA ASN A 147 3.72 -11.52 -11.40
C ASN A 147 4.82 -12.24 -12.15
N PRO A 148 6.10 -12.31 -11.75
CA PRO A 148 7.05 -13.13 -12.51
C PRO A 148 6.66 -14.59 -12.56
N HIS A 149 6.17 -15.11 -11.46
CA HIS A 149 5.72 -16.53 -11.41
C HIS A 149 4.45 -16.69 -12.22
N TYR A 150 3.59 -15.68 -12.27
CA TYR A 150 2.37 -15.76 -13.11
C TYR A 150 2.76 -15.78 -14.58
N VAL A 151 3.76 -15.01 -15.01
CA VAL A 151 4.22 -15.07 -16.41
C VAL A 151 4.82 -16.46 -16.68
N GLU A 152 5.61 -16.99 -15.73
CA GLU A 152 6.19 -18.33 -15.91
C GLU A 152 5.06 -19.33 -16.17
N TRP A 153 4.01 -19.28 -15.36
CA TRP A 153 2.89 -20.23 -15.57
C TRP A 153 2.18 -19.94 -16.88
N ALA A 154 2.05 -18.67 -17.26
CA ALA A 154 1.39 -18.35 -18.53
C ALA A 154 2.17 -19.00 -19.67
N LEU A 155 3.49 -19.03 -19.62
CA LEU A 155 4.29 -19.71 -20.67
C LEU A 155 3.93 -21.20 -20.75
N LYS A 156 3.63 -21.84 -19.63
CA LYS A 156 3.33 -23.29 -19.61
C LYS A 156 1.88 -23.53 -20.04
N LEU A 157 1.03 -22.51 -20.18
CA LEU A 157 -0.43 -22.62 -20.39
C LEU A 157 -0.85 -21.93 -21.68
N THR A 158 0.09 -21.57 -22.56
CA THR A 158 -0.18 -20.90 -23.86
C THR A 158 0.43 -21.70 -25.00
N ARG A 159 0.28 -21.17 -26.21
CA ARG A 159 0.88 -21.75 -27.42
C ARG A 159 1.34 -20.60 -28.27
N PRO A 160 2.13 -20.87 -29.33
CA PRO A 160 2.51 -19.80 -30.21
C PRO A 160 1.32 -19.02 -30.77
N GLY A 161 1.43 -17.71 -30.70
CA GLY A 161 0.38 -16.78 -31.08
C GLY A 161 -0.51 -16.34 -29.92
N SER A 162 -0.42 -17.01 -28.80
CA SER A 162 -1.15 -16.54 -27.59
C SER A 162 -0.63 -15.18 -27.18
N LEU A 163 -1.47 -14.40 -26.49
N LEU A 163 -1.43 -14.55 -26.35
CA LEU A 163 -1.17 -13.04 -25.99
CA LEU A 163 -1.09 -13.26 -25.77
C LEU A 163 -1.21 -13.03 -24.44
C LEU A 163 -0.98 -13.37 -24.27
N ILE A 164 -0.17 -12.47 -23.79
CA ILE A 164 -0.12 -12.21 -22.33
C ILE A 164 -0.25 -10.71 -22.13
N VAL A 165 -1.19 -10.32 -21.31
CA VAL A 165 -1.41 -8.88 -21.00
C VAL A 165 -1.19 -8.73 -19.52
N VAL A 166 -0.33 -7.78 -19.12
CA VAL A 166 -0.04 -7.52 -17.69
C VAL A 166 -0.50 -6.11 -17.39
N ASP A 167 -1.48 -5.96 -16.52
CA ASP A 167 -2.01 -4.63 -16.16
C ASP A 167 -1.18 -4.03 -15.02
N ASN A 168 -1.25 -2.72 -14.93
CA ASN A 168 -0.76 -1.93 -13.80
C ASN A 168 0.75 -2.10 -13.63
N VAL A 169 1.53 -1.76 -14.66
CA VAL A 169 2.99 -2.02 -14.66
C VAL A 169 3.80 -0.71 -14.50
N VAL A 170 3.14 0.44 -14.35
CA VAL A 170 3.87 1.73 -14.24
C VAL A 170 4.20 2.05 -12.78
N ARG A 171 3.34 1.71 -11.84
CA ARG A 171 3.69 1.81 -10.38
C ARG A 171 3.92 3.26 -10.00
N GLY A 172 3.09 4.15 -10.58
CA GLY A 172 3.26 5.57 -10.28
C GLY A 172 4.52 6.17 -10.87
N GLY A 173 5.22 5.47 -11.74
CA GLY A 173 6.54 5.85 -12.28
C GLY A 173 7.68 5.23 -11.51
N GLY A 174 7.37 4.56 -10.39
CA GLY A 174 8.32 3.84 -9.53
C GLY A 174 9.01 2.68 -10.21
N VAL A 175 8.45 2.16 -11.34
CA VAL A 175 8.97 0.96 -12.01
C VAL A 175 10.39 1.16 -12.53
N THR A 176 10.85 2.39 -12.71
CA THR A 176 12.22 2.66 -13.23
C THR A 176 13.28 2.59 -12.12
N ASP A 177 12.85 2.45 -10.85
CA ASP A 177 13.81 2.56 -9.72
C ASP A 177 14.40 1.18 -9.43
N ALA A 178 15.62 0.91 -9.86
CA ALA A 178 16.29 -0.38 -9.56
C ALA A 178 16.55 -0.50 -8.05
N GLY A 179 16.49 0.59 -7.31
CA GLY A 179 16.73 0.54 -5.86
C GLY A 179 15.48 0.61 -5.08
N SER A 180 14.32 0.43 -5.70
CA SER A 180 13.03 0.60 -4.94
C SER A 180 13.01 -0.36 -3.76
N THR A 181 12.44 0.07 -2.64
CA THR A 181 12.12 -0.80 -1.49
C THR A 181 10.71 -1.34 -1.59
N ASP A 182 9.93 -0.94 -2.61
CA ASP A 182 8.55 -1.43 -2.77
C ASP A 182 8.59 -2.80 -3.40
N PRO A 183 8.20 -3.88 -2.70
CA PRO A 183 8.30 -5.22 -3.27
C PRO A 183 7.41 -5.38 -4.50
N SER A 184 6.37 -4.56 -4.63
N SER A 184 6.36 -4.58 -4.64
CA SER A 184 5.45 -4.63 -5.80
CA SER A 184 5.47 -4.65 -5.83
C SER A 184 6.15 -4.00 -7.00
C SER A 184 6.18 -4.01 -7.02
N VAL A 185 7.06 -3.05 -6.80
CA VAL A 185 7.89 -2.53 -7.91
C VAL A 185 8.89 -3.61 -8.30
N ARG A 186 9.51 -4.28 -7.34
CA ARG A 186 10.51 -5.31 -7.66
C ARG A 186 9.87 -6.42 -8.47
N GLY A 187 8.66 -6.84 -8.10
CA GLY A 187 7.99 -7.92 -8.83
C GLY A 187 7.60 -7.47 -10.25
N THR A 188 7.12 -6.24 -10.36
CA THR A 188 6.75 -5.71 -11.69
C THR A 188 8.00 -5.73 -12.60
N ARG A 189 9.11 -5.23 -12.10
CA ARG A 189 10.36 -5.14 -12.90
C ARG A 189 10.77 -6.55 -13.32
N SER A 190 10.76 -7.51 -12.39
CA SER A 190 11.15 -8.90 -12.71
C SER A 190 10.24 -9.44 -13.79
N ALA A 191 8.94 -9.13 -13.75
CA ALA A 191 7.99 -9.69 -14.72
C ALA A 191 8.25 -9.06 -16.09
N LEU A 192 8.54 -7.75 -16.14
CA LEU A 192 8.84 -7.08 -17.43
C LEU A 192 10.18 -7.58 -17.99
N GLU A 193 11.12 -7.85 -17.12
CA GLU A 193 12.44 -8.37 -17.56
C GLU A 193 12.25 -9.76 -18.13
N LEU A 194 11.39 -10.58 -17.56
CA LEU A 194 11.15 -11.93 -18.07
C LEU A 194 10.50 -11.83 -19.47
N ILE A 195 9.54 -10.94 -19.67
CA ILE A 195 8.93 -10.73 -21.01
C ILE A 195 10.01 -10.31 -22.00
N ALA A 196 10.83 -9.34 -21.60
CA ALA A 196 11.86 -8.80 -22.51
C ALA A 196 12.87 -9.89 -22.86
N GLU A 197 13.28 -10.72 -21.93
CA GLU A 197 14.46 -11.60 -22.08
C GLU A 197 14.05 -12.98 -22.59
N HIS A 198 12.83 -13.42 -22.35
CA HIS A 198 12.44 -14.79 -22.71
C HIS A 198 12.38 -14.90 -24.21
N PRO A 199 13.06 -15.90 -24.83
CA PRO A 199 13.08 -15.94 -26.28
C PRO A 199 11.75 -16.31 -26.93
N LYS A 200 10.78 -16.77 -26.15
CA LYS A 200 9.45 -17.11 -26.70
C LYS A 200 8.48 -15.94 -26.51
N LEU A 201 8.91 -14.78 -26.02
CA LEU A 201 8.00 -13.65 -25.83
C LEU A 201 8.48 -12.40 -26.55
N SER A 202 7.60 -11.73 -27.27
CA SER A 202 7.85 -10.40 -27.89
C SER A 202 6.89 -9.44 -27.22
N GLY A 203 7.37 -8.40 -26.57
CA GLY A 203 6.48 -7.56 -25.79
C GLY A 203 6.79 -6.08 -25.87
N THR A 204 5.94 -5.33 -25.25
CA THR A 204 6.11 -3.88 -25.06
C THR A 204 5.32 -3.49 -23.85
N ALA A 205 5.50 -2.27 -23.41
CA ALA A 205 4.68 -1.69 -22.33
C ALA A 205 4.47 -0.23 -22.65
N VAL A 206 3.32 0.32 -22.32
CA VAL A 206 2.96 1.73 -22.61
C VAL A 206 2.30 2.30 -21.39
N GLN A 207 2.42 3.61 -21.21
CA GLN A 207 1.79 4.36 -20.12
C GLN A 207 0.46 4.92 -20.57
N THR A 208 -0.51 4.81 -19.69
CA THR A 208 -1.87 5.30 -19.93
C THR A 208 -2.24 6.30 -18.87
N VAL A 209 -3.19 7.18 -19.19
CA VAL A 209 -3.90 7.99 -18.19
C VAL A 209 -5.38 7.83 -18.46
N GLY A 210 -6.20 8.25 -17.54
CA GLY A 210 -7.65 8.14 -17.70
C GLY A 210 -8.30 8.08 -16.35
N SER A 211 -9.48 7.54 -16.29
CA SER A 211 -10.31 7.60 -15.08
C SER A 211 -9.69 6.75 -13.97
N LYS A 212 -8.82 5.80 -14.32
CA LYS A 212 -8.13 4.98 -13.27
C LYS A 212 -6.90 5.70 -12.73
N GLY A 213 -6.50 6.82 -13.33
CA GLY A 213 -5.27 7.52 -13.00
C GLY A 213 -4.15 7.21 -13.96
N TYR A 214 -2.92 7.51 -13.57
CA TYR A 214 -1.69 7.27 -14.31
C TYR A 214 -1.25 5.83 -14.08
N ASP A 215 -1.20 5.06 -15.14
CA ASP A 215 -0.77 3.65 -15.01
C ASP A 215 -0.23 3.20 -16.35
N GLY A 216 -0.36 1.91 -16.64
CA GLY A 216 0.08 1.39 -17.93
C GLY A 216 0.02 -0.11 -17.93
N PHE A 217 0.26 -0.68 -19.11
CA PHE A 217 0.14 -2.14 -19.31
C PHE A 217 1.26 -2.65 -20.18
N ALA A 218 1.49 -3.94 -20.05
CA ALA A 218 2.42 -4.68 -20.94
C ALA A 218 1.65 -5.68 -21.78
N LEU A 219 2.09 -5.87 -23.02
CA LEU A 219 1.50 -6.86 -23.94
C LEU A 219 2.63 -7.73 -24.47
N ALA A 220 2.46 -9.04 -24.50
CA ALA A 220 3.47 -9.94 -25.07
C ALA A 220 2.81 -11.03 -25.90
N ARG A 221 3.37 -11.22 -27.07
CA ARG A 221 2.98 -12.31 -27.95
C ARG A 221 3.92 -13.50 -27.75
N VAL A 222 3.37 -14.70 -27.70
CA VAL A 222 4.15 -15.95 -27.68
C VAL A 222 4.62 -16.26 -29.09
N LEU A 223 5.91 -16.52 -29.21
CA LEU A 223 6.58 -17.00 -30.43
C LEU A 223 6.85 -18.51 -30.31
N PRO A 224 7.02 -19.13 -31.49
CA PRO A 224 7.56 -20.50 -31.60
C PRO A 224 8.99 -20.62 -31.03
N SER B 4 0.57 -20.71 34.28
CA SER B 4 0.41 -19.31 34.73
C SER B 4 -0.78 -18.59 34.07
N GLN B 5 -1.38 -19.15 33.05
CA GLN B 5 -2.38 -18.43 32.23
C GLN B 5 -3.56 -17.96 33.09
N GLN B 6 -4.03 -18.79 34.02
CA GLN B 6 -5.18 -18.39 34.88
C GLN B 6 -4.81 -17.13 35.68
N LEU B 7 -3.62 -17.09 36.26
CA LEU B 7 -3.17 -15.89 37.01
C LEU B 7 -3.14 -14.69 36.06
N TRP B 8 -2.54 -14.83 34.89
CA TRP B 8 -2.50 -13.73 33.90
C TRP B 8 -3.91 -13.26 33.54
N ASP B 9 -4.82 -14.20 33.33
CA ASP B 9 -6.19 -13.83 33.00
C ASP B 9 -6.80 -13.07 34.18
N ASP B 10 -6.58 -13.54 35.40
CA ASP B 10 -7.22 -12.92 36.58
C ASP B 10 -6.74 -11.48 36.71
N VAL B 11 -5.44 -11.28 36.56
CA VAL B 11 -4.85 -9.93 36.71
C VAL B 11 -5.36 -9.03 35.57
N ASP B 12 -5.36 -9.49 34.31
CA ASP B 12 -5.86 -8.66 33.20
C ASP B 12 -7.35 -8.33 33.38
N ASP B 13 -8.14 -9.28 33.92
CA ASP B 13 -9.58 -9.00 34.12
C ASP B 13 -9.76 -7.93 35.19
N TYR B 14 -8.93 -7.99 36.23
CA TYR B 14 -8.94 -6.98 37.30
C TYR B 14 -8.62 -5.60 36.70
N PHE B 15 -7.52 -5.52 35.94
CA PHE B 15 -7.12 -4.23 35.33
C PHE B 15 -8.18 -3.72 34.35
N THR B 16 -8.71 -4.62 33.49
CA THR B 16 -9.72 -4.25 32.50
C THR B 16 -10.97 -3.71 33.19
N THR B 17 -11.53 -4.48 34.12
CA THR B 17 -12.81 -4.08 34.71
C THR B 17 -12.62 -2.75 35.43
N LEU B 18 -11.50 -2.57 36.11
CA LEU B 18 -11.29 -1.31 36.84
C LEU B 18 -10.99 -0.11 35.94
N LEU B 19 -10.04 -0.26 34.99
CA LEU B 19 -9.48 0.91 34.27
C LEU B 19 -9.88 1.02 32.82
N ALA B 20 -10.19 -0.10 32.18
CA ALA B 20 -10.40 -0.14 30.71
C ALA B 20 -11.54 -1.07 30.35
N PRO B 21 -12.74 -0.92 30.94
CA PRO B 21 -13.83 -1.84 30.65
C PRO B 21 -14.30 -1.75 29.19
N GLU B 22 -14.73 -2.88 28.70
CA GLU B 22 -15.29 -2.99 27.34
C GLU B 22 -16.75 -2.56 27.38
N ASP B 23 -17.10 -1.73 26.43
CA ASP B 23 -18.50 -1.35 26.17
C ASP B 23 -19.13 -2.27 25.12
N GLU B 24 -20.40 -2.05 24.85
CA GLU B 24 -21.16 -2.87 23.91
C GLU B 24 -20.43 -2.94 22.56
N ALA B 25 -19.94 -1.84 22.02
CA ALA B 25 -19.34 -1.88 20.66
C ALA B 25 -18.16 -2.86 20.69
N LEU B 26 -17.38 -2.91 21.75
CA LEU B 26 -16.18 -3.79 21.80
C LEU B 26 -16.61 -5.25 22.00
N THR B 27 -17.54 -5.52 22.91
CA THR B 27 -18.02 -6.90 23.17
C THR B 27 -18.72 -7.40 21.92
N ALA B 28 -19.54 -6.59 21.26
CA ALA B 28 -20.31 -7.01 20.05
C ALA B 28 -19.31 -7.29 18.94
N ALA B 29 -18.22 -6.54 18.90
CA ALA B 29 -17.25 -6.74 17.79
C ALA B 29 -16.75 -8.18 17.85
N LEU B 30 -16.37 -8.65 19.02
CA LEU B 30 -15.86 -10.03 19.23
C LEU B 30 -16.97 -11.04 18.96
N ARG B 31 -18.16 -10.76 19.44
CA ARG B 31 -19.30 -11.69 19.23
C ARG B 31 -19.49 -11.84 17.72
N ASP B 32 -19.50 -10.74 16.96
CA ASP B 32 -19.71 -10.77 15.48
C ASP B 32 -18.57 -11.53 14.81
N SER B 33 -17.36 -11.31 15.25
CA SER B 33 -16.17 -12.04 14.71
CA SER B 33 -16.20 -12.04 14.67
C SER B 33 -16.40 -13.55 14.87
N ASP B 34 -16.71 -13.97 16.06
CA ASP B 34 -16.88 -15.42 16.36
C ASP B 34 -18.02 -15.97 15.50
N ALA B 35 -19.10 -15.22 15.33
CA ALA B 35 -20.36 -15.66 14.68
C ALA B 35 -20.14 -15.83 13.17
N ALA B 36 -19.27 -15.00 12.61
CA ALA B 36 -18.84 -15.07 11.19
C ALA B 36 -17.95 -16.30 10.99
N GLY B 37 -17.51 -16.98 12.05
CA GLY B 37 -16.59 -18.13 11.99
C GLY B 37 -15.16 -17.69 11.71
N LEU B 38 -14.82 -16.42 12.00
CA LEU B 38 -13.44 -15.91 11.85
C LEU B 38 -12.61 -16.54 12.95
N PRO B 39 -11.31 -16.81 12.70
CA PRO B 39 -10.46 -17.41 13.73
C PRO B 39 -10.42 -16.52 14.97
N HIS B 40 -10.49 -17.15 16.12
CA HIS B 40 -10.63 -16.46 17.42
C HIS B 40 -9.28 -15.82 17.73
N ILE B 41 -9.28 -14.51 17.97
CA ILE B 41 -8.08 -13.78 18.46
C ILE B 41 -8.35 -13.49 19.93
N ASN B 42 -7.42 -13.87 20.79
CA ASN B 42 -7.46 -13.39 22.18
C ASN B 42 -7.18 -11.90 22.10
N VAL B 43 -7.88 -11.13 22.90
CA VAL B 43 -7.62 -9.67 22.98
C VAL B 43 -7.40 -9.32 24.46
N ALA B 44 -6.84 -8.14 24.66
CA ALA B 44 -6.62 -7.57 26.00
C ALA B 44 -7.13 -6.14 25.92
N PRO B 45 -8.33 -5.88 26.47
CA PRO B 45 -8.86 -4.54 26.45
C PRO B 45 -7.91 -3.52 27.09
N ASN B 46 -7.22 -3.93 28.15
CA ASN B 46 -6.27 -3.01 28.81
C ASN B 46 -5.12 -2.67 27.88
N GLN B 47 -4.72 -3.57 26.96
CA GLN B 47 -3.71 -3.20 25.95
C GLN B 47 -4.33 -2.36 24.84
N GLY B 48 -5.59 -2.58 24.51
CA GLY B 48 -6.31 -1.70 23.59
C GLY B 48 -6.34 -0.26 24.12
N LYS B 49 -6.60 -0.14 25.41
CA LYS B 49 -6.59 1.20 26.04
C LYS B 49 -5.18 1.79 26.02
N LEU B 50 -4.18 0.96 26.22
CA LEU B 50 -2.79 1.49 26.13
C LEU B 50 -2.53 2.04 24.72
N LEU B 51 -2.96 1.30 23.71
CA LEU B 51 -2.80 1.79 22.31
C LEU B 51 -3.56 3.09 22.06
N GLN B 52 -4.80 3.18 22.53
CA GLN B 52 -5.62 4.41 22.48
C GLN B 52 -4.88 5.56 23.15
N LEU B 53 -4.39 5.30 24.38
CA LEU B 53 -3.68 6.36 25.13
C LEU B 53 -2.45 6.80 24.36
N LEU B 54 -1.68 5.88 23.80
N LEU B 54 -1.68 5.85 23.79
CA LEU B 54 -0.51 6.36 23.04
CA LEU B 54 -0.47 6.16 22.98
C LEU B 54 -0.96 7.32 21.93
C LEU B 54 -0.84 7.14 21.84
N ALA B 55 -1.97 6.92 21.16
CA ALA B 55 -2.42 7.81 20.08
C ALA B 55 -2.81 9.17 20.63
N GLU B 56 -3.52 9.19 21.74
CA GLU B 56 -3.98 10.46 22.39
C GLU B 56 -2.78 11.27 22.84
N ILE B 57 -1.82 10.59 23.41
CA ILE B 57 -0.60 11.26 23.94
C ILE B 57 0.18 11.85 22.77
N GLN B 58 0.26 11.14 21.68
CA GLN B 58 1.03 11.62 20.51
C GLN B 58 0.31 12.81 19.87
N GLY B 59 -1.00 12.94 20.06
CA GLY B 59 -1.86 13.98 19.47
C GLY B 59 -2.35 13.56 18.10
N ALA B 60 -2.59 12.28 17.91
CA ALA B 60 -2.86 11.73 16.56
C ALA B 60 -4.18 12.27 16.01
N ARG B 61 -4.15 12.66 14.75
CA ARG B 61 -5.37 13.01 13.98
C ARG B 61 -5.57 12.07 12.80
N ARG B 62 -4.50 11.41 12.36
CA ARG B 62 -4.48 10.52 11.18
C ARG B 62 -3.79 9.22 11.60
N ILE B 63 -4.51 8.11 11.46
CA ILE B 63 -3.99 6.77 11.86
C ILE B 63 -4.05 5.83 10.66
N LEU B 64 -3.01 5.05 10.51
CA LEU B 64 -2.99 3.96 9.50
C LEU B 64 -2.88 2.64 10.26
N GLU B 65 -3.70 1.65 9.94
CA GLU B 65 -3.60 0.32 10.56
C GLU B 65 -3.34 -0.69 9.47
N ILE B 66 -2.35 -1.54 9.65
CA ILE B 66 -2.06 -2.63 8.69
C ILE B 66 -2.47 -3.90 9.43
N GLY B 67 -3.64 -4.44 9.11
CA GLY B 67 -4.24 -5.63 9.70
C GLY B 67 -5.51 -5.29 10.46
N THR B 68 -6.60 -5.07 9.75
CA THR B 68 -7.87 -4.69 10.43
C THR B 68 -8.37 -5.84 11.27
N LEU B 69 -8.23 -7.06 10.78
CA LEU B 69 -8.82 -8.27 11.38
C LEU B 69 -10.35 -8.04 11.52
N GLY B 70 -10.93 -8.23 12.72
CA GLY B 70 -12.35 -7.92 12.92
C GLY B 70 -12.60 -6.53 13.46
N GLY B 71 -11.62 -5.64 13.43
CA GLY B 71 -11.77 -4.24 13.81
C GLY B 71 -11.72 -3.95 15.31
N TYR B 72 -11.32 -4.90 16.12
CA TYR B 72 -11.28 -4.67 17.60
C TYR B 72 -10.26 -3.59 17.89
N SER B 73 -9.02 -3.76 17.46
CA SER B 73 -8.01 -2.70 17.71
C SER B 73 -8.42 -1.43 16.96
N THR B 74 -9.03 -1.55 15.80
CA THR B 74 -9.49 -0.38 15.01
C THR B 74 -10.44 0.50 15.83
N ILE B 75 -11.30 -0.13 16.66
CA ILE B 75 -12.21 0.67 17.50
C ILE B 75 -11.42 1.44 18.56
N TRP B 76 -10.51 0.78 19.23
CA TRP B 76 -9.68 1.49 20.23
C TRP B 76 -8.96 2.65 19.58
N LEU B 77 -8.32 2.44 18.43
CA LEU B 77 -7.59 3.52 17.74
C LEU B 77 -8.55 4.64 17.33
N GLY B 78 -9.67 4.28 16.69
CA GLY B 78 -10.58 5.27 16.13
C GLY B 78 -11.12 6.17 17.21
N ARG B 79 -11.27 5.63 18.40
CA ARG B 79 -11.81 6.41 19.56
C ARG B 79 -10.77 7.40 20.07
N ALA B 80 -9.52 7.32 19.63
CA ALA B 80 -8.50 8.32 20.01
C ALA B 80 -8.67 9.57 19.17
N LEU B 81 -9.40 9.52 18.04
CA LEU B 81 -9.35 10.60 17.05
C LEU B 81 -10.38 11.66 17.38
N PRO B 82 -10.04 12.91 16.99
CA PRO B 82 -11.02 13.99 17.03
C PRO B 82 -12.08 13.74 15.95
N ARG B 83 -13.15 14.55 15.95
CA ARG B 83 -14.33 14.33 15.08
C ARG B 83 -13.92 14.44 13.61
N ASP B 84 -12.90 15.24 13.30
CA ASP B 84 -12.37 15.46 11.93
C ASP B 84 -11.14 14.57 11.66
N GLY B 85 -10.87 13.59 12.52
CA GLY B 85 -9.70 12.71 12.35
C GLY B 85 -9.95 11.75 11.22
N ARG B 86 -8.94 11.00 10.78
CA ARG B 86 -9.11 9.97 9.75
C ARG B 86 -8.32 8.72 10.12
N LEU B 87 -8.92 7.58 9.91
CA LEU B 87 -8.23 6.29 10.11
C LEU B 87 -8.42 5.49 8.82
N ILE B 88 -7.35 4.97 8.27
CA ILE B 88 -7.39 4.03 7.12
C ILE B 88 -6.81 2.71 7.61
N SER B 89 -7.52 1.60 7.41
CA SER B 89 -7.06 0.28 7.84
C SER B 89 -7.07 -0.64 6.63
N PHE B 90 -6.11 -1.55 6.58
CA PHE B 90 -5.92 -2.47 5.46
C PHE B 90 -6.16 -3.90 5.90
N GLU B 91 -6.99 -4.63 5.15
CA GLU B 91 -7.36 -6.03 5.47
C GLU B 91 -7.31 -6.89 4.20
N TYR B 92 -6.60 -8.00 4.27
CA TYR B 92 -6.45 -8.95 3.15
C TYR B 92 -7.78 -9.64 2.86
N ASP B 93 -8.55 -9.97 3.91
CA ASP B 93 -9.66 -10.95 3.78
C ASP B 93 -10.95 -10.17 3.75
N ALA B 94 -11.75 -10.30 2.70
CA ALA B 94 -12.98 -9.52 2.57
C ALA B 94 -13.96 -9.88 3.72
N LYS B 95 -14.01 -11.14 4.15
CA LYS B 95 -14.97 -11.56 5.22
C LYS B 95 -14.59 -10.79 6.49
N HIS B 96 -13.31 -10.80 6.86
CA HIS B 96 -12.86 -10.03 8.06
C HIS B 96 -13.23 -8.57 7.84
N ALA B 97 -12.99 -7.96 6.68
CA ALA B 97 -13.28 -6.52 6.44
C ALA B 97 -14.77 -6.19 6.62
N GLU B 98 -15.65 -7.09 6.18
CA GLU B 98 -17.11 -6.89 6.30
C GLU B 98 -17.47 -6.78 7.78
N VAL B 99 -16.96 -7.73 8.54
CA VAL B 99 -17.20 -7.77 10.02
C VAL B 99 -16.67 -6.49 10.62
N ALA B 100 -15.46 -6.08 10.26
CA ALA B 100 -14.80 -4.88 10.81
C ALA B 100 -15.64 -3.66 10.51
N ARG B 101 -16.09 -3.49 9.25
CA ARG B 101 -16.88 -2.29 8.85
C ARG B 101 -18.15 -2.24 9.72
N ARG B 102 -18.84 -3.36 9.88
CA ARG B 102 -20.10 -3.36 10.68
C ARG B 102 -19.74 -2.98 12.12
N ASN B 103 -18.64 -3.51 12.61
CA ASN B 103 -18.21 -3.22 14.01
C ASN B 103 -17.90 -1.74 14.16
N LEU B 104 -17.22 -1.15 13.19
CA LEU B 104 -16.86 0.28 13.24
C LEU B 104 -18.16 1.13 13.19
N ALA B 105 -19.12 0.73 12.38
CA ALA B 105 -20.37 1.51 12.21
C ALA B 105 -21.11 1.46 13.55
N ARG B 106 -21.14 0.28 14.20
CA ARG B 106 -21.82 0.13 15.52
C ARG B 106 -21.21 1.14 16.47
N ALA B 107 -19.88 1.27 16.43
CA ALA B 107 -19.12 2.17 17.32
C ALA B 107 -19.22 3.64 16.88
N GLY B 108 -19.91 3.99 15.80
CA GLY B 108 -20.03 5.38 15.30
C GLY B 108 -18.75 5.89 14.68
N LEU B 109 -17.91 4.97 14.18
CA LEU B 109 -16.60 5.33 13.60
C LEU B 109 -16.63 5.23 12.08
N ASP B 110 -17.78 4.94 11.45
CA ASP B 110 -17.80 4.78 9.97
C ASP B 110 -17.51 6.10 9.25
N GLY B 111 -17.81 7.26 9.83
CA GLY B 111 -17.53 8.56 9.19
C GLY B 111 -16.05 8.87 9.12
N ILE B 112 -15.25 8.40 10.07
CA ILE B 112 -13.80 8.79 10.11
C ILE B 112 -12.91 7.62 9.73
N SER B 113 -13.43 6.42 9.51
CA SER B 113 -12.59 5.23 9.23
C SER B 113 -12.97 4.67 7.88
N GLU B 114 -12.00 4.05 7.23
CA GLU B 114 -12.09 3.39 5.90
C GLU B 114 -11.33 2.09 6.03
N VAL B 115 -11.91 0.99 5.59
CA VAL B 115 -11.21 -0.32 5.53
C VAL B 115 -10.98 -0.65 4.05
N ARG B 116 -9.73 -0.79 3.64
CA ARG B 116 -9.35 -1.07 2.23
C ARG B 116 -8.94 -2.53 2.16
N VAL B 117 -9.61 -3.27 1.26
CA VAL B 117 -9.45 -4.72 1.15
C VAL B 117 -8.47 -5.06 0.03
N GLY B 118 -7.62 -6.01 0.33
CA GLY B 118 -6.65 -6.50 -0.67
C GLY B 118 -5.33 -6.82 -0.01
N PRO B 119 -4.41 -7.35 -0.84
CA PRO B 119 -3.04 -7.53 -0.38
C PRO B 119 -2.48 -6.17 0.07
N ALA B 120 -1.97 -6.06 1.29
CA ALA B 120 -1.49 -4.76 1.77
C ALA B 120 -0.37 -4.23 0.89
N LEU B 121 0.48 -5.07 0.31
CA LEU B 121 1.58 -4.53 -0.53
C LEU B 121 1.04 -4.06 -1.87
N GLU B 122 -0.24 -4.30 -2.19
CA GLU B 122 -0.89 -3.59 -3.31
C GLU B 122 -1.61 -2.35 -2.81
N SER B 123 -2.28 -2.43 -1.67
CA SER B 123 -3.09 -1.30 -1.20
C SER B 123 -2.17 -0.14 -0.80
N LEU B 124 -1.02 -0.43 -0.18
CA LEU B 124 -0.16 0.63 0.37
C LEU B 124 0.38 1.50 -0.76
N PRO B 125 0.99 0.99 -1.84
CA PRO B 125 1.41 1.94 -2.88
C PRO B 125 0.24 2.64 -3.57
N LYS B 126 -0.94 2.03 -3.64
CA LYS B 126 -2.13 2.74 -4.19
C LYS B 126 -2.43 3.95 -3.30
N LEU B 127 -2.41 3.78 -1.98
CA LEU B 127 -2.56 4.96 -1.08
C LEU B 127 -1.44 5.95 -1.31
N ALA B 128 -0.17 5.51 -1.32
CA ALA B 128 0.94 6.46 -1.45
C ALA B 128 0.76 7.27 -2.76
N ASP B 129 0.17 6.71 -3.81
CA ASP B 129 -0.15 7.45 -5.07
C ASP B 129 -1.18 8.58 -4.89
N GLU B 130 -2.02 8.51 -3.86
CA GLU B 130 -3.03 9.56 -3.58
C GLU B 130 -2.35 10.81 -3.03
N ARG B 131 -1.02 10.73 -2.77
CA ARG B 131 -0.21 11.76 -2.05
C ARG B 131 -0.94 12.19 -0.79
N PRO B 132 -1.25 11.25 0.12
CA PRO B 132 -1.98 11.60 1.33
C PRO B 132 -1.14 12.49 2.27
N GLU B 133 -1.85 13.27 3.07
CA GLU B 133 -1.20 13.93 4.22
C GLU B 133 -0.57 12.83 5.07
N PRO B 134 0.56 13.08 5.72
CA PRO B 134 1.22 12.08 6.55
C PRO B 134 0.28 11.58 7.66
N PHE B 135 0.56 10.38 8.12
CA PHE B 135 -0.12 9.76 9.26
C PHE B 135 0.70 9.96 10.55
N ASP B 136 -0.02 10.07 11.64
CA ASP B 136 0.56 10.30 12.97
C ASP B 136 0.92 9.02 13.72
N LEU B 137 0.15 7.96 13.49
CA LEU B 137 0.41 6.65 14.10
C LEU B 137 0.11 5.58 13.09
N VAL B 138 1.04 4.65 12.99
CA VAL B 138 0.88 3.45 12.14
C VAL B 138 0.89 2.26 13.07
N PHE B 139 -0.16 1.48 13.08
CA PHE B 139 -0.28 0.25 13.90
C PHE B 139 -0.17 -0.93 12.95
N ILE B 140 0.79 -1.80 13.18
CA ILE B 140 1.01 -2.99 12.31
C ILE B 140 0.70 -4.24 13.13
N ASP B 141 -0.32 -5.03 12.77
CA ASP B 141 -0.78 -6.16 13.60
C ASP B 141 -1.17 -7.37 12.77
N ALA B 142 -0.53 -7.52 11.61
CA ALA B 142 -0.81 -8.69 10.77
C ALA B 142 0.43 -9.02 9.96
N ASP B 143 0.41 -10.24 9.39
CA ASP B 143 1.28 -10.65 8.27
C ASP B 143 2.76 -10.39 8.60
N LYS B 144 3.29 -11.06 9.62
CA LYS B 144 4.60 -10.73 10.17
C LYS B 144 5.70 -10.87 9.13
N VAL B 145 5.61 -11.83 8.19
CA VAL B 145 6.67 -12.02 7.18
C VAL B 145 6.96 -10.71 6.44
N ASN B 146 5.92 -9.88 6.25
CA ASN B 146 6.01 -8.62 5.47
C ASN B 146 6.23 -7.41 6.38
N ASN B 147 6.37 -7.61 7.69
CA ASN B 147 6.53 -6.46 8.59
C ASN B 147 7.67 -5.55 8.19
N PRO B 148 8.84 -5.99 7.71
CA PRO B 148 9.86 -5.01 7.30
C PRO B 148 9.31 -4.06 6.21
N HIS B 149 8.55 -4.60 5.26
CA HIS B 149 7.98 -3.80 4.16
C HIS B 149 6.94 -2.84 4.72
N TYR B 150 6.22 -3.23 5.77
CA TYR B 150 5.22 -2.34 6.41
C TYR B 150 5.92 -1.22 7.18
N VAL B 151 7.07 -1.49 7.79
CA VAL B 151 7.85 -0.40 8.45
C VAL B 151 8.36 0.54 7.36
N GLU B 152 8.81 0.01 6.23
CA GLU B 152 9.30 0.89 5.12
C GLU B 152 8.13 1.75 4.63
N TRP B 153 6.95 1.16 4.46
CA TRP B 153 5.79 1.96 4.04
C TRP B 153 5.49 3.00 5.10
N ALA B 154 5.54 2.64 6.37
CA ALA B 154 5.28 3.61 7.46
C ALA B 154 6.25 4.79 7.34
N LEU B 155 7.54 4.51 7.05
CA LEU B 155 8.50 5.65 6.89
C LEU B 155 8.04 6.54 5.75
N LYS B 156 7.54 5.99 4.66
CA LYS B 156 7.13 6.81 3.49
C LYS B 156 5.87 7.60 3.79
N LEU B 157 5.08 7.18 4.79
CA LEU B 157 3.71 7.73 4.99
C LEU B 157 3.59 8.51 6.31
N THR B 158 4.70 8.82 6.96
CA THR B 158 4.68 9.50 8.28
C THR B 158 5.50 10.77 8.17
N ARG B 159 5.64 11.44 9.28
CA ARG B 159 6.47 12.65 9.38
C ARG B 159 7.19 12.61 10.70
N PRO B 160 8.16 13.50 10.94
CA PRO B 160 8.81 13.52 12.24
C PRO B 160 7.83 13.66 13.40
N GLY B 161 8.00 12.79 14.40
CA GLY B 161 7.16 12.76 15.58
C GLY B 161 6.04 11.74 15.46
N SER B 162 5.77 11.20 14.28
CA SER B 162 4.84 10.07 14.12
C SER B 162 5.36 8.87 14.89
N LEU B 163 4.47 7.93 15.06
N LEU B 163 4.46 7.97 15.27
CA LEU B 163 4.74 6.68 15.78
CA LEU B 163 4.73 6.75 16.10
C LEU B 163 4.45 5.49 14.92
C LEU B 163 4.32 5.49 15.32
N ILE B 164 5.20 4.47 15.22
CA ILE B 164 4.95 3.15 14.63
C ILE B 164 4.81 2.18 15.80
N VAL B 165 3.73 1.41 15.81
CA VAL B 165 3.56 0.38 16.85
C VAL B 165 3.43 -0.93 16.09
N VAL B 166 4.21 -1.91 16.53
CA VAL B 166 4.21 -3.27 15.93
C VAL B 166 3.73 -4.23 16.99
N ASP B 167 2.61 -4.90 16.77
CA ASP B 167 2.10 -5.87 17.76
C ASP B 167 2.76 -7.24 17.54
N ASN B 168 2.79 -8.04 18.57
CA ASN B 168 3.07 -9.50 18.46
C ASN B 168 4.52 -9.70 18.01
N VAL B 169 5.49 -9.13 18.69
CA VAL B 169 6.91 -9.21 18.27
C VAL B 169 7.74 -10.25 19.03
N VAL B 170 7.16 -10.97 19.98
CA VAL B 170 7.91 -11.90 20.83
C VAL B 170 7.95 -13.30 20.21
N ARG B 171 6.88 -13.71 19.54
CA ARG B 171 6.84 -14.99 18.82
C ARG B 171 7.16 -16.15 19.75
N GLY B 172 6.57 -16.15 20.94
CA GLY B 172 6.78 -17.24 21.89
C GLY B 172 8.19 -17.30 22.43
N GLY B 173 9.00 -16.26 22.21
CA GLY B 173 10.43 -16.22 22.55
C GLY B 173 11.29 -16.50 21.32
N GLY B 174 10.69 -16.93 20.21
CA GLY B 174 11.46 -17.29 19.01
C GLY B 174 12.10 -16.12 18.33
N VAL B 175 11.71 -14.87 18.65
CA VAL B 175 12.29 -13.69 17.97
C VAL B 175 13.82 -13.64 18.17
N THR B 176 14.35 -14.22 19.25
CA THR B 176 15.80 -14.17 19.50
C THR B 176 16.55 -15.14 18.58
N ASP B 177 15.87 -16.01 17.84
CA ASP B 177 16.52 -17.18 17.17
C ASP B 177 16.93 -16.77 15.76
N ALA B 178 18.21 -16.46 15.55
CA ALA B 178 18.75 -16.11 14.23
C ALA B 178 18.70 -17.33 13.32
N GLY B 179 18.55 -18.51 13.88
CA GLY B 179 18.45 -19.73 13.05
C GLY B 179 17.03 -20.08 12.67
N SER B 180 16.03 -19.34 13.16
CA SER B 180 14.63 -19.70 12.86
C SER B 180 14.35 -19.51 11.38
N THR B 181 13.68 -20.48 10.78
CA THR B 181 13.14 -20.39 9.42
C THR B 181 11.65 -20.03 9.41
N ASP B 182 11.03 -19.82 10.57
CA ASP B 182 9.62 -19.37 10.61
C ASP B 182 9.52 -18.00 9.96
N PRO B 183 8.76 -17.84 8.87
CA PRO B 183 8.71 -16.54 8.17
C PRO B 183 8.23 -15.43 9.11
N SER B 184 7.43 -15.72 10.09
CA SER B 184 6.95 -14.66 11.03
C SER B 184 8.11 -14.24 11.91
N VAL B 185 8.98 -15.18 12.30
CA VAL B 185 10.14 -14.78 13.11
C VAL B 185 11.10 -14.00 12.24
N ARG B 186 11.38 -14.46 11.03
CA ARG B 186 12.33 -13.72 10.17
C ARG B 186 11.80 -12.31 9.92
N GLY B 187 10.51 -12.15 9.64
CA GLY B 187 9.95 -10.82 9.34
C GLY B 187 10.00 -9.95 10.57
N THR B 188 9.66 -10.49 11.73
CA THR B 188 9.73 -9.69 12.96
C THR B 188 11.17 -9.21 13.18
N ARG B 189 12.14 -10.12 13.12
CA ARG B 189 13.54 -9.72 13.35
C ARG B 189 13.92 -8.65 12.34
N SER B 190 13.61 -8.84 11.06
CA SER B 190 14.02 -7.87 10.02
C SER B 190 13.38 -6.52 10.34
N ALA B 191 12.13 -6.50 10.81
CA ALA B 191 11.45 -5.20 11.09
C ALA B 191 12.13 -4.51 12.25
N LEU B 192 12.46 -5.27 13.28
CA LEU B 192 13.10 -4.70 14.47
C LEU B 192 14.51 -4.21 14.07
N GLU B 193 15.21 -4.94 13.25
CA GLU B 193 16.53 -4.51 12.78
C GLU B 193 16.42 -3.22 11.95
N LEU B 194 15.38 -3.08 11.16
CA LEU B 194 15.15 -1.82 10.40
C LEU B 194 14.94 -0.67 11.39
N ILE B 195 14.16 -0.84 12.43
CA ILE B 195 13.96 0.22 13.43
C ILE B 195 15.33 0.59 14.01
N ALA B 196 16.11 -0.40 14.40
CA ALA B 196 17.43 -0.19 15.00
C ALA B 196 18.28 0.61 14.03
N GLU B 197 18.42 0.12 12.81
CA GLU B 197 19.42 0.62 11.83
C GLU B 197 19.01 1.97 11.30
N HIS B 198 17.73 2.25 11.13
CA HIS B 198 17.31 3.44 10.37
C HIS B 198 17.56 4.67 11.23
N PRO B 199 18.24 5.70 10.70
CA PRO B 199 18.52 6.88 11.50
C PRO B 199 17.26 7.70 11.85
N LYS B 200 16.18 7.50 11.13
CA LYS B 200 14.90 8.21 11.38
C LYS B 200 14.06 7.48 12.43
N LEU B 201 14.49 6.38 12.99
CA LEU B 201 13.64 5.61 13.93
C LEU B 201 14.33 5.36 15.26
N SER B 202 13.61 5.62 16.34
CA SER B 202 14.09 5.34 17.70
C SER B 202 13.05 4.42 18.35
N GLY B 203 13.45 3.25 18.81
CA GLY B 203 12.40 2.30 19.25
C GLY B 203 12.79 1.51 20.48
N THR B 204 11.86 0.65 20.84
CA THR B 204 12.08 -0.34 21.89
C THR B 204 11.04 -1.44 21.71
N ALA B 205 11.15 -2.50 22.48
CA ALA B 205 10.15 -3.59 22.49
C ALA B 205 10.10 -4.13 23.89
N VAL B 206 8.95 -4.63 24.31
CA VAL B 206 8.75 -5.11 25.70
C VAL B 206 7.87 -6.36 25.66
N GLN B 207 8.13 -7.28 26.56
CA GLN B 207 7.33 -8.49 26.72
C GLN B 207 6.16 -8.21 27.64
N THR B 208 5.05 -8.82 27.28
CA THR B 208 3.78 -8.76 28.03
C THR B 208 3.24 -10.14 28.32
N VAL B 209 2.41 -10.20 29.34
CA VAL B 209 1.57 -11.39 29.60
C VAL B 209 0.19 -10.87 29.97
N GLY B 210 -0.76 -11.75 29.97
CA GLY B 210 -2.16 -11.38 30.20
C GLY B 210 -3.09 -12.30 29.44
N SER B 211 -4.27 -11.78 29.11
CA SER B 211 -5.32 -12.58 28.45
C SER B 211 -4.90 -13.05 27.05
N LYS B 212 -3.91 -12.43 26.43
CA LYS B 212 -3.40 -12.84 25.09
C LYS B 212 -2.28 -13.87 25.24
N GLY B 213 -1.94 -14.27 26.45
CA GLY B 213 -0.80 -15.15 26.71
C GLY B 213 0.49 -14.34 26.68
N TYR B 214 1.60 -15.03 26.49
CA TYR B 214 2.95 -14.44 26.42
C TYR B 214 3.16 -13.81 25.06
N ASP B 215 3.45 -12.50 25.05
CA ASP B 215 3.61 -11.77 23.78
C ASP B 215 4.40 -10.50 24.07
N GLY B 216 4.33 -9.56 23.14
CA GLY B 216 5.02 -8.29 23.34
C GLY B 216 4.84 -7.38 22.14
N PHE B 217 5.27 -6.14 22.25
CA PHE B 217 5.07 -5.14 21.20
C PHE B 217 6.31 -4.28 21.10
N ALA B 218 6.44 -3.66 19.94
CA ALA B 218 7.51 -2.68 19.65
C ALA B 218 6.87 -1.32 19.38
N LEU B 219 7.56 -0.27 19.76
CA LEU B 219 7.16 1.12 19.53
C LEU B 219 8.36 1.82 18.90
N ALA B 220 8.16 2.63 17.87
CA ALA B 220 9.24 3.45 17.33
C ALA B 220 8.71 4.83 17.00
N ARG B 221 9.53 5.82 17.31
CA ARG B 221 9.24 7.23 17.05
C ARG B 221 10.02 7.63 15.81
N VAL B 222 9.40 8.39 14.92
CA VAL B 222 10.10 8.93 13.73
C VAL B 222 10.82 10.22 14.16
N LEU B 223 12.07 10.32 13.76
CA LEU B 223 12.97 11.45 13.99
C LEU B 223 13.14 12.19 12.67
N PRO B 224 13.47 13.49 12.73
CA PRO B 224 13.87 14.25 11.55
C PRO B 224 15.28 13.91 11.03
N SER C 4 11.34 -20.28 32.78
CA SER C 4 10.64 -19.06 32.19
C SER C 4 11.49 -17.82 32.36
N GLN C 5 12.11 -17.63 33.53
CA GLN C 5 12.94 -16.45 33.78
C GLN C 5 14.11 -16.41 32.79
N GLN C 6 14.73 -17.54 32.46
CA GLN C 6 15.84 -17.47 31.49
C GLN C 6 15.32 -17.02 30.12
N LEU C 7 14.16 -17.52 29.70
CA LEU C 7 13.58 -17.07 28.41
C LEU C 7 13.33 -15.55 28.49
N TRP C 8 12.72 -15.08 29.56
CA TRP C 8 12.43 -13.64 29.67
C TRP C 8 13.70 -12.82 29.66
N ASP C 9 14.75 -13.31 30.34
CA ASP C 9 16.04 -12.59 30.29
C ASP C 9 16.59 -12.59 28.88
N ASP C 10 16.53 -13.71 28.19
CA ASP C 10 17.09 -13.83 26.81
C ASP C 10 16.36 -12.83 25.89
N VAL C 11 15.03 -12.77 25.98
CA VAL C 11 14.27 -11.90 25.05
C VAL C 11 14.59 -10.43 25.40
N ASP C 12 14.60 -10.08 26.70
CA ASP C 12 14.91 -8.68 27.08
C ASP C 12 16.33 -8.32 26.66
N ASP C 13 17.29 -9.23 26.76
CA ASP C 13 18.67 -8.91 26.32
C ASP C 13 18.70 -8.69 24.81
N TYR C 14 17.95 -9.51 24.06
CA TYR C 14 17.83 -9.38 22.60
C TYR C 14 17.26 -7.99 22.25
N PHE C 15 16.14 -7.63 22.88
CA PHE C 15 15.53 -6.31 22.60
C PHE C 15 16.46 -5.16 22.99
N THR C 16 17.14 -5.29 24.13
CA THR C 16 17.99 -4.21 24.64
C THR C 16 19.15 -3.99 23.67
N THR C 17 19.89 -5.06 23.38
CA THR C 17 21.10 -4.92 22.54
C THR C 17 20.71 -4.37 21.18
N LEU C 18 19.55 -4.74 20.65
CA LEU C 18 19.18 -4.28 19.31
C LEU C 18 18.64 -2.84 19.35
N LEU C 19 17.63 -2.62 20.21
CA LEU C 19 16.80 -1.38 20.13
C LEU C 19 17.15 -0.35 21.22
N ALA C 20 17.64 -0.80 22.37
CA ALA C 20 17.78 0.08 23.54
C ALA C 20 19.09 -0.16 24.25
N PRO C 21 20.21 -0.17 23.52
CA PRO C 21 21.47 -0.53 24.15
C PRO C 21 21.87 0.47 25.23
N GLU C 22 22.52 -0.09 26.23
CA GLU C 22 23.10 0.69 27.36
C GLU C 22 24.46 1.19 26.92
N ASP C 23 24.67 2.48 27.10
CA ASP C 23 26.01 3.08 27.01
C ASP C 23 26.74 2.88 28.32
N GLU C 24 27.98 3.35 28.41
CA GLU C 24 28.77 3.13 29.62
C GLU C 24 28.14 3.84 30.80
N ALA C 25 27.50 5.00 30.57
CA ALA C 25 26.84 5.70 31.70
C ALA C 25 25.83 4.77 32.36
N LEU C 26 25.03 4.03 31.58
CA LEU C 26 24.03 3.13 32.19
C LEU C 26 24.67 1.93 32.86
N THR C 27 25.65 1.30 32.21
CA THR C 27 26.36 0.16 32.79
C THR C 27 27.03 0.54 34.11
N ALA C 28 27.73 1.67 34.10
CA ALA C 28 28.45 2.18 35.27
C ALA C 28 27.48 2.57 36.38
N ALA C 29 26.31 3.08 36.01
CA ALA C 29 25.30 3.37 37.05
C ALA C 29 25.02 2.15 37.89
N LEU C 30 24.82 0.99 37.25
CA LEU C 30 24.54 -0.26 37.97
C LEU C 30 25.77 -0.70 38.74
N ARG C 31 26.97 -0.59 38.16
CA ARG C 31 28.16 -1.03 38.93
C ARG C 31 28.30 -0.14 40.17
N ASP C 32 28.12 1.18 40.02
CA ASP C 32 28.22 2.11 41.17
C ASP C 32 27.19 1.76 42.22
N SER C 33 25.97 1.46 41.81
CA SER C 33 24.88 1.12 42.77
CA SER C 33 24.91 1.14 42.80
C SER C 33 25.34 -0.07 43.63
N ASP C 34 25.84 -1.11 42.96
CA ASP C 34 26.33 -2.36 43.63
C ASP C 34 27.47 -2.09 44.58
N ALA C 35 28.46 -1.32 44.14
CA ALA C 35 29.69 -1.02 44.88
C ALA C 35 29.40 -0.19 46.15
N ALA C 36 28.39 0.69 46.13
CA ALA C 36 27.96 1.54 47.28
C ALA C 36 27.19 0.67 48.28
N GLY C 37 26.93 -0.59 47.91
CA GLY C 37 26.20 -1.54 48.76
C GLY C 37 24.72 -1.24 48.77
N LEU C 38 24.20 -0.48 47.80
CA LEU C 38 22.73 -0.35 47.59
C LEU C 38 22.22 -1.76 47.38
N PRO C 39 21.00 -2.12 47.88
CA PRO C 39 20.38 -3.40 47.55
C PRO C 39 20.25 -3.53 46.03
N HIS C 40 20.66 -4.68 45.47
CA HIS C 40 20.63 -4.96 44.01
C HIS C 40 19.18 -4.91 43.54
N ILE C 41 18.87 -4.09 42.55
CA ILE C 41 17.53 -4.16 41.91
C ILE C 41 17.77 -4.57 40.47
N ASN C 42 16.84 -5.35 39.96
CA ASN C 42 16.78 -5.73 38.53
C ASN C 42 16.22 -4.53 37.79
N VAL C 43 16.80 -4.25 36.63
CA VAL C 43 16.34 -3.17 35.73
C VAL C 43 16.15 -3.80 34.35
N ALA C 44 15.36 -3.12 33.51
CA ALA C 44 15.05 -3.54 32.16
C ALA C 44 15.31 -2.33 31.30
N PRO C 45 16.50 -2.24 30.69
CA PRO C 45 16.85 -1.12 29.82
C PRO C 45 15.74 -0.86 28.78
N ASN C 46 15.21 -1.93 28.19
CA ASN C 46 14.22 -1.77 27.12
C ASN C 46 12.92 -1.17 27.69
N GLN C 47 12.62 -1.41 28.96
CA GLN C 47 11.49 -0.72 29.62
C GLN C 47 11.86 0.74 29.92
N GLY C 48 13.13 0.98 30.32
CA GLY C 48 13.62 2.35 30.49
C GLY C 48 13.45 3.14 29.21
N LYS C 49 13.76 2.55 28.07
CA LYS C 49 13.59 3.24 26.80
C LYS C 49 12.08 3.43 26.49
N LEU C 50 11.22 2.52 26.91
CA LEU C 50 9.75 2.76 26.77
C LEU C 50 9.36 4.04 27.54
N LEU C 51 9.87 4.19 28.75
CA LEU C 51 9.58 5.38 29.59
C LEU C 51 10.12 6.63 28.87
N GLN C 52 11.33 6.56 28.34
CA GLN C 52 11.92 7.68 27.62
C GLN C 52 11.03 8.05 26.44
N LEU C 53 10.67 7.06 25.62
CA LEU C 53 9.85 7.35 24.45
C LEU C 53 8.47 7.91 24.84
N LEU C 54 7.85 7.39 25.89
CA LEU C 54 6.54 7.92 26.40
CA LEU C 54 6.55 7.95 26.32
C LEU C 54 6.70 9.44 26.64
N ALA C 55 7.77 9.82 27.35
CA ALA C 55 8.03 11.22 27.64
C ALA C 55 8.22 12.02 26.33
N GLU C 56 9.00 11.49 25.37
CA GLU C 56 9.29 12.21 24.11
C GLU C 56 8.00 12.36 23.27
N ILE C 57 7.20 11.31 23.27
CA ILE C 57 5.92 11.32 22.49
C ILE C 57 4.97 12.35 23.10
N GLN C 58 4.96 12.47 24.43
CA GLN C 58 4.11 13.45 25.15
C GLN C 58 4.54 14.88 24.88
N GLY C 59 5.81 15.07 24.55
CA GLY C 59 6.44 16.38 24.40
C GLY C 59 7.00 16.90 25.70
N ALA C 60 7.46 16.01 26.57
CA ALA C 60 7.82 16.42 27.96
C ALA C 60 8.97 17.41 28.02
N ARG C 61 8.85 18.43 28.85
CA ARG C 61 9.93 19.40 29.17
C ARG C 61 10.25 19.26 30.64
N ARG C 62 9.31 18.80 31.45
CA ARG C 62 9.43 18.78 32.93
C ARG C 62 9.00 17.43 33.45
N ILE C 63 9.87 16.77 34.20
CA ILE C 63 9.63 15.41 34.74
C ILE C 63 9.90 15.39 36.22
N LEU C 64 9.01 14.71 36.93
CA LEU C 64 9.12 14.49 38.39
C LEU C 64 9.21 13.00 38.63
N GLU C 65 10.20 12.55 39.34
CA GLU C 65 10.35 11.13 39.65
C GLU C 65 10.30 10.94 41.16
N ILE C 66 9.57 9.96 41.60
CA ILE C 66 9.48 9.57 43.02
C ILE C 66 10.09 8.17 43.15
N GLY C 67 11.31 8.07 43.67
CA GLY C 67 12.04 6.81 43.96
C GLY C 67 13.23 6.78 43.03
N THR C 68 14.27 7.53 43.37
CA THR C 68 15.47 7.68 42.52
C THR C 68 16.25 6.37 42.50
N LEU C 69 16.44 5.78 43.69
CA LEU C 69 17.31 4.63 43.87
C LEU C 69 18.66 5.12 43.39
N GLY C 70 19.24 4.51 42.39
CA GLY C 70 20.59 4.89 41.96
C GLY C 70 20.59 5.77 40.73
N GLY C 71 19.41 6.25 40.26
CA GLY C 71 19.35 7.15 39.10
C GLY C 71 19.27 6.40 37.77
N TYR C 72 19.07 5.09 37.79
CA TYR C 72 19.05 4.33 36.52
C TYR C 72 17.84 4.76 35.69
N SER C 73 16.65 4.67 36.27
CA SER C 73 15.43 5.16 35.59
C SER C 73 15.59 6.64 35.24
N THR C 74 16.21 7.39 36.19
CA THR C 74 16.35 8.85 36.00
C THR C 74 17.16 9.22 34.75
N ILE C 75 18.15 8.40 34.42
CA ILE C 75 18.93 8.59 33.17
C ILE C 75 18.03 8.45 31.95
N TRP C 76 17.23 7.36 31.93
CA TRP C 76 16.32 7.12 30.80
C TRP C 76 15.36 8.30 30.70
N LEU C 77 14.75 8.73 31.81
CA LEU C 77 13.79 9.86 31.77
C LEU C 77 14.49 11.13 31.32
N GLY C 78 15.66 11.42 31.90
CA GLY C 78 16.39 12.64 31.53
C GLY C 78 16.75 12.70 30.07
N ARG C 79 17.05 11.54 29.47
CA ARG C 79 17.41 11.47 28.04
C ARG C 79 16.22 11.83 27.13
N ALA C 80 15.02 11.88 27.65
CA ALA C 80 13.88 12.38 26.84
C ALA C 80 13.89 13.89 26.67
N LEU C 81 14.61 14.62 27.54
CA LEU C 81 14.34 16.07 27.70
C LEU C 81 15.21 16.92 26.78
N PRO C 82 14.72 18.10 26.38
CA PRO C 82 15.55 19.11 25.70
C PRO C 82 16.44 19.84 26.72
N ARG C 83 17.35 20.73 26.24
CA ARG C 83 18.36 21.44 27.06
C ARG C 83 17.67 22.37 28.06
N ASP C 84 16.44 22.84 27.79
CA ASP C 84 15.71 23.73 28.74
C ASP C 84 14.74 22.87 29.56
N GLY C 85 14.95 21.56 29.53
CA GLY C 85 14.15 20.65 30.36
C GLY C 85 14.58 20.66 31.82
N ARG C 86 13.73 20.10 32.67
CA ARG C 86 13.97 19.99 34.11
C ARG C 86 13.46 18.63 34.55
N LEU C 87 14.30 17.92 35.25
CA LEU C 87 13.92 16.69 35.95
C LEU C 87 14.27 16.88 37.40
N ILE C 88 13.32 16.59 38.26
CA ILE C 88 13.52 16.58 39.73
C ILE C 88 13.19 15.19 40.20
N SER C 89 14.04 14.59 40.97
CA SER C 89 13.84 13.22 41.49
C SER C 89 13.98 13.22 43.01
N PHE C 90 13.21 12.42 43.67
CA PHE C 90 13.17 12.29 45.15
C PHE C 90 13.62 10.90 45.57
N GLU C 91 14.55 10.90 46.50
CA GLU C 91 15.19 9.66 47.05
C GLU C 91 15.19 9.75 48.57
N TYR C 92 14.74 8.67 49.25
CA TYR C 92 14.67 8.57 50.73
C TYR C 92 16.07 8.66 51.31
N ASP C 93 17.03 8.02 50.67
CA ASP C 93 18.35 7.73 51.31
C ASP C 93 19.39 8.71 50.74
N ALA C 94 20.16 9.42 51.57
CA ALA C 94 21.23 10.32 51.11
C ALA C 94 22.29 9.55 50.32
N LYS C 95 22.55 8.30 50.70
CA LYS C 95 23.57 7.47 50.01
C LYS C 95 23.06 7.19 48.60
N HIS C 96 21.81 6.74 48.50
CA HIS C 96 21.23 6.47 47.15
C HIS C 96 21.35 7.77 46.34
N ALA C 97 20.97 8.90 46.93
CA ALA C 97 20.89 10.19 46.20
C ALA C 97 22.28 10.55 45.64
N GLU C 98 23.34 10.40 46.42
CA GLU C 98 24.67 10.82 45.87
C GLU C 98 25.11 9.84 44.79
N VAL C 99 24.79 8.55 44.89
CA VAL C 99 25.08 7.58 43.79
C VAL C 99 24.34 8.06 42.54
N ALA C 100 23.09 8.45 42.71
CA ALA C 100 22.26 9.00 41.61
C ALA C 100 22.90 10.23 40.97
N ARG C 101 23.36 11.21 41.77
CA ARG C 101 23.93 12.44 41.23
C ARG C 101 25.19 12.12 40.41
N ARG C 102 26.03 11.22 40.92
CA ARG C 102 27.23 10.86 40.15
C ARG C 102 26.81 10.18 38.86
N ASN C 103 25.83 9.28 38.96
CA ASN C 103 25.36 8.57 37.75
C ASN C 103 24.79 9.53 36.74
N LEU C 104 24.00 10.50 37.16
CA LEU C 104 23.40 11.46 36.23
C LEU C 104 24.45 12.32 35.55
N ALA C 105 25.47 12.76 36.28
CA ALA C 105 26.54 13.60 35.72
C ALA C 105 27.35 12.78 34.71
N ARG C 106 27.58 11.50 35.00
CA ARG C 106 28.32 10.63 34.04
C ARG C 106 27.52 10.54 32.73
N ALA C 107 26.20 10.54 32.84
CA ALA C 107 25.27 10.41 31.70
C ALA C 107 25.15 11.72 30.92
N GLY C 108 25.70 12.82 31.41
CA GLY C 108 25.64 14.15 30.84
C GLY C 108 24.37 14.92 31.21
N LEU C 109 23.71 14.59 32.33
CA LEU C 109 22.36 15.10 32.65
C LEU C 109 22.40 15.98 33.88
N ASP C 110 23.59 16.34 34.38
CA ASP C 110 23.73 17.17 35.62
C ASP C 110 23.08 18.54 35.42
N GLY C 111 23.07 19.07 34.21
CA GLY C 111 22.59 20.40 33.90
C GLY C 111 21.07 20.50 33.94
N ILE C 112 20.38 19.37 33.77
CA ILE C 112 18.88 19.39 33.68
C ILE C 112 18.26 18.56 34.79
N SER C 113 19.04 17.95 35.67
CA SER C 113 18.47 17.08 36.72
C SER C 113 18.83 17.58 38.10
N GLU C 114 18.03 17.20 39.06
CA GLU C 114 18.24 17.53 40.47
C GLU C 114 17.69 16.39 41.28
N VAL C 115 18.41 15.95 42.28
CA VAL C 115 17.98 14.91 43.19
C VAL C 115 17.83 15.55 44.55
N ARG C 116 16.73 15.29 45.23
CA ARG C 116 16.42 15.74 46.59
C ARG C 116 16.18 14.60 47.55
N VAL C 117 16.71 14.72 48.75
CA VAL C 117 16.72 13.65 49.79
C VAL C 117 15.68 13.89 50.88
N GLY C 118 15.17 12.77 51.35
CA GLY C 118 14.20 12.70 52.43
C GLY C 118 13.03 11.88 51.95
N PRO C 119 12.12 11.53 52.86
CA PRO C 119 10.98 10.76 52.46
C PRO C 119 10.16 11.66 51.51
N ALA C 120 9.73 11.07 50.40
CA ALA C 120 9.00 11.82 49.36
C ALA C 120 7.77 12.47 49.93
N LEU C 121 7.02 11.85 50.85
CA LEU C 121 5.77 12.51 51.33
C LEU C 121 6.07 13.71 52.21
N GLU C 122 7.30 13.86 52.68
CA GLU C 122 7.72 15.12 53.32
C GLU C 122 8.34 16.11 52.34
N SER C 123 9.07 15.61 51.36
CA SER C 123 9.74 16.50 50.38
C SER C 123 8.75 17.09 49.38
N LEU C 124 7.72 16.34 49.02
CA LEU C 124 6.73 16.82 48.05
C LEU C 124 5.98 18.06 48.50
N PRO C 125 5.46 18.16 49.75
CA PRO C 125 4.81 19.41 50.14
C PRO C 125 5.77 20.60 50.14
N LYS C 126 7.05 20.34 50.39
CA LYS C 126 8.03 21.45 50.28
C LYS C 126 8.21 21.89 48.82
N LEU C 127 8.28 20.92 47.91
CA LEU C 127 8.31 21.29 46.48
C LEU C 127 7.05 22.08 46.12
N ALA C 128 5.86 21.62 46.57
CA ALA C 128 4.61 22.34 46.27
C ALA C 128 4.63 23.77 46.86
N ASP C 129 5.35 24.00 47.96
CA ASP C 129 5.53 25.35 48.58
C ASP C 129 6.29 26.26 47.62
N GLU C 130 6.99 25.71 46.61
CA GLU C 130 7.74 26.52 45.61
C GLU C 130 6.84 26.92 44.44
N ARG C 131 5.61 26.40 44.37
CA ARG C 131 4.66 26.66 43.26
C ARG C 131 5.35 26.40 41.93
N PRO C 132 5.87 25.19 41.70
CA PRO C 132 6.56 24.90 40.45
C PRO C 132 5.58 24.91 39.27
N GLU C 133 6.14 25.17 38.08
CA GLU C 133 5.40 24.96 36.82
C GLU C 133 5.01 23.49 36.80
N PRO C 134 3.86 23.15 36.21
CA PRO C 134 3.41 21.76 36.17
C PRO C 134 4.44 20.85 35.50
N PHE C 135 4.45 19.60 35.95
CA PHE C 135 5.28 18.54 35.33
C PHE C 135 4.46 17.86 34.24
N ASP C 136 5.15 17.49 33.17
CA ASP C 136 4.54 16.76 32.04
C ASP C 136 4.47 15.27 32.28
N LEU C 137 5.37 14.68 33.06
CA LEU C 137 5.37 13.25 33.35
C LEU C 137 5.82 13.11 34.78
N VAL C 138 5.07 12.34 35.54
CA VAL C 138 5.43 11.93 36.91
C VAL C 138 5.63 10.42 36.90
N PHE C 139 6.78 9.94 37.32
CA PHE C 139 7.13 8.52 37.41
C PHE C 139 7.21 8.15 38.87
N ILE C 140 6.33 7.26 39.29
CA ILE C 140 6.20 6.82 40.69
C ILE C 140 6.75 5.41 40.83
N ASP C 141 7.83 5.25 41.57
CA ASP C 141 8.50 3.94 41.71
C ASP C 141 9.21 3.90 43.06
N ALA C 142 8.48 4.03 44.16
CA ALA C 142 9.10 4.08 45.51
C ALA C 142 8.39 3.05 46.38
N ASP C 143 7.99 3.46 47.57
CA ASP C 143 7.28 2.60 48.55
C ASP C 143 5.81 2.53 48.16
N LYS C 144 5.36 1.33 47.80
CA LYS C 144 4.05 1.16 47.13
C LYS C 144 2.91 1.45 48.08
N VAL C 145 3.07 1.30 49.40
CA VAL C 145 1.99 1.64 50.37
C VAL C 145 1.54 3.10 50.17
N ASN C 146 2.46 4.00 49.77
CA ASN C 146 2.15 5.44 49.63
C ASN C 146 1.79 5.83 48.19
N ASN C 147 1.62 4.86 47.30
CA ASN C 147 1.24 5.15 45.89
C ASN C 147 0.01 6.05 45.82
N PRO C 148 -1.10 5.87 46.58
CA PRO C 148 -2.24 6.77 46.41
C PRO C 148 -1.89 8.23 46.72
N HIS C 149 -1.10 8.47 47.79
CA HIS C 149 -0.71 9.85 48.12
C HIS C 149 0.27 10.43 47.07
N TYR C 150 1.09 9.58 46.46
CA TYR C 150 1.96 10.04 45.36
C TYR C 150 1.11 10.40 44.16
N VAL C 151 0.08 9.61 43.85
CA VAL C 151 -0.83 9.99 42.74
C VAL C 151 -1.56 11.32 43.05
N GLU C 152 -1.97 11.51 44.29
CA GLU C 152 -2.60 12.80 44.66
C GLU C 152 -1.61 13.95 44.47
N TRP C 153 -0.36 13.75 44.87
CA TRP C 153 0.65 14.80 44.67
C TRP C 153 0.85 15.02 43.15
N ALA C 154 0.86 13.94 42.37
CA ALA C 154 1.05 14.08 40.92
C ALA C 154 -0.12 14.91 40.34
N LEU C 155 -1.36 14.66 40.79
CA LEU C 155 -2.51 15.48 40.33
C LEU C 155 -2.28 16.95 40.66
N LYS C 156 -1.76 17.25 41.85
CA LYS C 156 -1.55 18.64 42.22
C LYS C 156 -0.45 19.29 41.37
N LEU C 157 0.51 18.52 40.89
CA LEU C 157 1.73 19.06 40.26
C LEU C 157 1.73 18.83 38.74
N THR C 158 0.60 18.51 38.14
CA THR C 158 0.48 18.30 36.68
C THR C 158 -0.59 19.21 36.08
N ARG C 159 -0.80 19.08 34.77
CA ARG C 159 -1.85 19.83 34.04
C ARG C 159 -2.47 18.89 33.01
N PRO C 160 -3.56 19.33 32.34
CA PRO C 160 -4.11 18.54 31.26
C PRO C 160 -3.05 18.16 30.23
N GLY C 161 -3.02 16.89 29.93
CA GLY C 161 -2.07 16.33 28.97
C GLY C 161 -0.86 15.69 29.62
N SER C 162 -0.64 15.96 30.89
CA SER C 162 0.49 15.34 31.60
C SER C 162 0.20 13.84 31.73
N LEU C 163 1.21 13.09 32.09
CA LEU C 163 1.17 11.63 32.26
C LEU C 163 1.64 11.28 33.66
N ILE C 164 1.07 10.22 34.19
CA ILE C 164 1.47 9.60 35.46
C ILE C 164 1.75 8.15 35.15
N VAL C 165 2.93 7.69 35.51
CA VAL C 165 3.31 6.27 35.36
C VAL C 165 3.58 5.70 36.73
N VAL C 166 2.97 4.58 37.06
CA VAL C 166 3.16 3.92 38.38
C VAL C 166 3.80 2.59 38.06
N ASP C 167 4.99 2.34 38.51
CA ASP C 167 5.71 1.07 38.30
C ASP C 167 5.29 0.03 39.32
N ASN C 168 5.45 -1.22 38.94
CA ASN C 168 5.44 -2.37 39.87
C ASN C 168 4.06 -2.50 40.48
N VAL C 169 3.02 -2.58 39.64
CA VAL C 169 1.61 -2.58 40.12
C VAL C 169 0.99 -3.99 40.17
N VAL C 170 1.75 -5.04 39.84
CA VAL C 170 1.15 -6.40 39.73
C VAL C 170 1.31 -7.14 41.08
N ARG C 171 2.45 -6.93 41.78
CA ARG C 171 2.66 -7.56 43.12
C ARG C 171 2.51 -9.08 43.05
N GLY C 172 3.13 -9.72 42.05
CA GLY C 172 3.08 -11.20 41.90
C GLY C 172 1.70 -11.73 41.58
N GLY C 173 0.73 -10.87 41.26
CA GLY C 173 -0.70 -11.21 41.08
C GLY C 173 -1.50 -10.96 42.35
N GLY C 174 -0.85 -10.57 43.45
CA GLY C 174 -1.56 -10.23 44.71
C GLY C 174 -2.42 -9.00 44.61
N VAL C 175 -2.25 -8.18 43.57
CA VAL C 175 -3.03 -6.93 43.38
C VAL C 175 -4.52 -7.23 43.26
N THR C 176 -4.93 -8.43 42.88
CA THR C 176 -6.33 -8.78 42.69
C THR C 176 -6.98 -9.13 44.04
N ASP C 177 -6.21 -9.21 45.14
CA ASP C 177 -6.70 -9.72 46.45
C ASP C 177 -7.30 -8.56 47.27
N ALA C 178 -8.62 -8.42 47.25
CA ALA C 178 -9.34 -7.36 47.99
C ALA C 178 -9.15 -7.57 49.49
N GLY C 179 -8.70 -8.76 49.90
CA GLY C 179 -8.55 -9.15 51.32
C GLY C 179 -7.12 -9.03 51.80
N SER C 180 -6.17 -8.74 50.91
CA SER C 180 -4.74 -8.74 51.26
C SER C 180 -4.48 -7.68 52.32
N THR C 181 -3.62 -8.01 53.29
CA THR C 181 -3.20 -7.05 54.34
C THR C 181 -1.83 -6.51 53.99
N ASP C 182 -1.26 -6.94 52.85
CA ASP C 182 0.09 -6.50 52.41
C ASP C 182 -0.03 -5.01 52.11
N PRO C 183 0.67 -4.11 52.83
CA PRO C 183 0.54 -2.68 52.57
C PRO C 183 0.83 -2.32 51.10
N SER C 184 1.78 -2.98 50.45
CA SER C 184 2.11 -2.70 49.03
C SER C 184 0.90 -3.01 48.14
N VAL C 185 0.22 -4.11 48.40
CA VAL C 185 -1.01 -4.46 47.63
C VAL C 185 -2.09 -3.43 47.93
N ARG C 186 -2.30 -3.10 49.21
CA ARG C 186 -3.37 -2.15 49.56
C ARG C 186 -3.11 -0.79 48.88
N GLY C 187 -1.88 -0.32 48.94
CA GLY C 187 -1.55 0.99 48.35
C GLY C 187 -1.67 0.94 46.84
N THR C 188 -1.23 -0.14 46.24
CA THR C 188 -1.35 -0.27 44.77
C THR C 188 -2.83 -0.29 44.36
N ARG C 189 -3.65 -1.08 45.04
CA ARG C 189 -5.08 -1.13 44.67
C ARG C 189 -5.77 0.22 44.84
N SER C 190 -5.44 0.92 45.93
CA SER C 190 -6.00 2.26 46.20
CA SER C 190 -6.03 2.26 46.19
C SER C 190 -5.58 3.24 45.10
N ALA C 191 -4.33 3.16 44.63
CA ALA C 191 -3.84 4.09 43.61
C ALA C 191 -4.54 3.79 42.28
N LEU C 192 -4.76 2.51 41.96
CA LEU C 192 -5.42 2.17 40.71
C LEU C 192 -6.90 2.55 40.76
N GLU C 193 -7.56 2.42 41.93
CA GLU C 193 -8.96 2.86 42.08
C GLU C 193 -9.04 4.40 41.93
N LEU C 194 -8.06 5.12 42.47
CA LEU C 194 -8.02 6.59 42.34
C LEU C 194 -7.91 6.98 40.86
N ILE C 195 -7.04 6.32 40.09
CA ILE C 195 -6.96 6.57 38.63
C ILE C 195 -8.33 6.31 37.98
N ALA C 196 -8.89 5.15 38.30
CA ALA C 196 -10.22 4.84 37.72
C ALA C 196 -11.23 5.95 38.00
N GLU C 197 -11.45 6.25 39.27
CA GLU C 197 -12.63 7.06 39.67
C GLU C 197 -12.40 8.55 39.45
N HIS C 198 -11.15 9.00 39.46
CA HIS C 198 -10.91 10.44 39.36
C HIS C 198 -11.30 10.93 37.97
N PRO C 199 -12.18 11.94 37.79
CA PRO C 199 -12.57 12.36 36.44
C PRO C 199 -11.44 12.95 35.62
N LYS C 200 -10.40 13.41 36.28
CA LYS C 200 -9.27 14.00 35.55
C LYS C 200 -8.30 12.92 35.10
N LEU C 201 -8.54 11.63 35.36
CA LEU C 201 -7.51 10.62 34.95
C LEU C 201 -8.14 9.55 34.07
N SER C 202 -7.50 9.23 32.97
CA SER C 202 -7.88 8.06 32.16
C SER C 202 -6.67 7.14 32.10
N GLY C 203 -6.79 5.87 32.48
CA GLY C 203 -5.62 5.03 32.60
C GLY C 203 -5.78 3.61 32.16
N THR C 204 -4.70 2.88 32.27
CA THR C 204 -4.72 1.44 32.07
C THR C 204 -3.55 0.86 32.87
N ALA C 205 -3.47 -0.46 32.92
CA ALA C 205 -2.36 -1.18 33.54
C ALA C 205 -2.13 -2.44 32.75
N VAL C 206 -0.88 -2.82 32.62
CA VAL C 206 -0.52 -4.02 31.83
CA VAL C 206 -0.41 -3.94 31.74
C VAL C 206 0.57 -4.79 32.55
N GLN C 207 0.52 -6.10 32.39
CA GLN C 207 1.49 -7.04 32.94
C GLN C 207 2.66 -7.22 31.98
N THR C 208 3.85 -7.20 32.54
CA THR C 208 5.08 -7.40 31.79
C THR C 208 5.87 -8.56 32.36
N VAL C 209 6.73 -9.10 31.53
CA VAL C 209 7.80 -10.02 31.98
C VAL C 209 9.11 -9.57 31.34
N GLY C 210 10.22 -10.11 31.85
CA GLY C 210 11.53 -9.67 31.36
C GLY C 210 12.56 -9.80 32.46
N SER C 211 13.64 -9.06 32.34
CA SER C 211 14.76 -9.19 33.28
C SER C 211 14.36 -8.81 34.69
N LYS C 212 13.28 -8.07 34.86
CA LYS C 212 12.79 -7.71 36.23
C LYS C 212 11.86 -8.78 36.80
N GLY C 213 11.60 -9.84 36.08
CA GLY C 213 10.61 -10.86 36.40
C GLY C 213 9.20 -10.42 36.03
N TYR C 214 8.21 -11.06 36.62
CA TYR C 214 6.78 -10.82 36.39
C TYR C 214 6.38 -9.59 37.15
N ASP C 215 5.83 -8.62 36.45
CA ASP C 215 5.45 -7.35 37.07
C ASP C 215 4.52 -6.61 36.10
N GLY C 216 4.43 -5.31 36.25
CA GLY C 216 3.55 -4.55 35.37
C GLY C 216 3.56 -3.10 35.77
N PHE C 217 2.91 -2.29 34.96
CA PHE C 217 2.89 -0.83 35.22
C PHE C 217 1.52 -0.28 34.92
N ALA C 218 1.22 0.89 35.49
CA ALA C 218 0.02 1.68 35.14
C ALA C 218 0.41 2.98 34.45
N LEU C 219 -0.43 3.43 33.53
CA LEU C 219 -0.27 4.71 32.82
C LEU C 219 -1.57 5.46 32.94
N ALA C 220 -1.52 6.73 33.32
CA ALA C 220 -2.71 7.58 33.37
C ALA C 220 -2.41 8.89 32.68
N ARG C 221 -3.38 9.37 31.95
CA ARG C 221 -3.31 10.69 31.32
C ARG C 221 -4.24 11.65 32.03
N VAL C 222 -3.74 12.85 32.23
CA VAL C 222 -4.55 13.92 32.88
C VAL C 222 -5.45 14.58 31.81
N LEU C 223 -6.71 14.74 32.20
CA LEU C 223 -7.82 15.30 31.38
C LEU C 223 -8.27 16.63 31.99
N PRO C 224 -8.78 17.52 31.11
CA PRO C 224 -9.50 18.70 31.56
C PRO C 224 -10.91 18.33 32.03
N LEU C 225 -11.57 19.24 32.77
CA LEU C 225 -13.01 19.09 33.13
C LEU C 225 -13.86 19.18 31.87
N GLU C 226 -14.86 18.30 31.78
CA GLU C 226 -15.92 18.39 30.73
C GLU C 226 -17.27 18.08 31.37
N HIS C 227 -18.32 18.72 30.85
CA HIS C 227 -19.75 18.42 31.11
C HIS C 227 -20.43 18.15 29.76
N HIS C 228 -21.33 17.15 29.73
CA HIS C 228 -22.15 16.88 28.53
C HIS C 228 -23.45 16.22 28.97
N HIS C 229 -24.43 16.16 28.07
CA HIS C 229 -25.69 15.43 28.37
C HIS C 229 -25.46 13.94 28.07
N HIS C 230 -25.77 13.07 29.03
CA HIS C 230 -25.59 11.59 28.89
C HIS C 230 -26.88 11.00 28.31
N HIS C 231 -26.93 10.73 27.00
CA HIS C 231 -28.11 10.12 26.32
C HIS C 231 -28.04 8.59 26.34
N GLU D 3 8.82 17.10 -12.66
CA GLU D 3 7.52 17.42 -13.29
C GLU D 3 7.13 16.21 -14.19
N SER D 4 5.91 16.28 -14.69
CA SER D 4 5.21 15.09 -15.26
C SER D 4 5.88 14.63 -16.55
N GLN D 5 6.25 15.53 -17.46
CA GLN D 5 6.84 15.14 -18.77
C GLN D 5 8.17 14.42 -18.52
N GLN D 6 8.97 14.90 -17.57
CA GLN D 6 10.25 14.22 -17.31
C GLN D 6 9.97 12.78 -16.83
N LEU D 7 9.02 12.59 -15.94
CA LEU D 7 8.63 11.24 -15.43
C LEU D 7 8.20 10.40 -16.63
N TRP D 8 7.32 10.93 -17.47
CA TRP D 8 6.87 10.14 -18.63
C TRP D 8 8.04 9.77 -19.53
N ASP D 9 8.98 10.68 -19.78
CA ASP D 9 10.17 10.37 -20.58
C ASP D 9 10.94 9.24 -19.90
N ASP D 10 11.11 9.32 -18.56
CA ASP D 10 11.96 8.35 -17.84
C ASP D 10 11.33 6.96 -17.98
N VAL D 11 10.01 6.91 -17.77
CA VAL D 11 9.29 5.61 -17.85
C VAL D 11 9.34 5.08 -19.28
N ASP D 12 9.12 5.93 -20.29
CA ASP D 12 9.20 5.48 -21.69
C ASP D 12 10.59 5.02 -22.08
N ASP D 13 11.63 5.69 -21.59
CA ASP D 13 13.01 5.27 -21.86
C ASP D 13 13.24 3.87 -21.22
N TYR D 14 12.74 3.69 -20.01
CA TYR D 14 12.86 2.39 -19.31
C TYR D 14 12.14 1.29 -20.11
N PHE D 15 10.92 1.54 -20.57
CA PHE D 15 10.19 0.51 -21.34
C PHE D 15 10.91 0.23 -22.69
N THR D 16 11.33 1.31 -23.33
CA THR D 16 11.99 1.23 -24.64
C THR D 16 13.26 0.38 -24.51
N THR D 17 14.16 0.74 -23.62
CA THR D 17 15.45 0.04 -23.53
C THR D 17 15.24 -1.40 -23.10
N LEU D 18 14.22 -1.70 -22.29
CA LEU D 18 13.99 -3.08 -21.85
C LEU D 18 13.32 -3.93 -22.94
N LEU D 19 12.21 -3.42 -23.48
CA LEU D 19 11.26 -4.22 -24.26
C LEU D 19 11.29 -3.94 -25.76
N ALA D 20 11.54 -2.69 -26.15
CA ALA D 20 11.28 -2.24 -27.53
C ALA D 20 12.36 -1.29 -27.96
N PRO D 21 13.62 -1.75 -28.01
CA PRO D 21 14.73 -0.82 -28.20
C PRO D 21 14.78 -0.06 -29.55
N GLU D 22 15.22 1.21 -29.50
CA GLU D 22 15.60 2.06 -30.66
C GLU D 22 16.85 1.42 -31.25
N ASP D 23 16.68 0.32 -31.99
CA ASP D 23 17.73 -0.48 -32.67
C ASP D 23 18.39 0.21 -33.88
N GLU D 24 19.43 -0.36 -34.49
CA GLU D 24 20.32 0.36 -35.45
C GLU D 24 19.52 0.84 -36.68
N ALA D 25 18.52 0.08 -37.19
CA ALA D 25 17.74 0.48 -38.38
C ALA D 25 16.89 1.69 -37.99
N LEU D 26 16.36 1.69 -36.78
CA LEU D 26 15.48 2.79 -36.34
C LEU D 26 16.33 4.01 -36.06
N THR D 27 17.49 3.87 -35.41
CA THR D 27 18.34 5.06 -35.13
CA THR D 27 18.35 5.03 -35.13
C THR D 27 18.82 5.64 -36.47
N ALA D 28 19.17 4.79 -37.41
CA ALA D 28 19.67 5.31 -38.71
C ALA D 28 18.54 6.04 -39.42
N ALA D 29 17.32 5.56 -39.32
CA ALA D 29 16.16 6.19 -39.97
C ALA D 29 16.01 7.60 -39.43
N LEU D 30 16.13 7.77 -38.12
CA LEU D 30 16.00 9.12 -37.52
C LEU D 30 17.17 10.00 -37.98
N ARG D 31 18.41 9.50 -38.00
CA ARG D 31 19.56 10.30 -38.46
C ARG D 31 19.28 10.78 -39.90
N ASP D 32 18.78 9.89 -40.74
CA ASP D 32 18.55 10.25 -42.16
C ASP D 32 17.43 11.29 -42.28
N SER D 33 16.35 11.14 -41.53
CA SER D 33 15.20 12.07 -41.54
C SER D 33 15.66 13.46 -41.07
N ASP D 34 16.41 13.52 -39.97
CA ASP D 34 16.96 14.80 -39.46
C ASP D 34 17.80 15.49 -40.54
N ALA D 35 18.72 14.76 -41.14
CA ALA D 35 19.67 15.35 -42.10
C ALA D 35 18.87 15.93 -43.27
N ALA D 36 17.77 15.29 -43.64
CA ALA D 36 17.01 15.67 -44.85
C ALA D 36 16.16 16.91 -44.57
N GLY D 37 16.03 17.33 -43.30
CA GLY D 37 15.28 18.51 -42.85
C GLY D 37 13.85 18.20 -42.48
N LEU D 38 13.54 16.94 -42.18
CA LEU D 38 12.19 16.61 -41.68
C LEU D 38 12.06 17.14 -40.25
N PRO D 39 10.88 17.61 -39.85
CA PRO D 39 10.71 18.16 -38.50
C PRO D 39 11.14 17.25 -37.34
N VAL D 43 9.57 10.67 -30.81
CA VAL D 43 9.21 9.26 -31.17
C VAL D 43 9.05 8.45 -29.86
N ALA D 44 8.29 7.36 -29.95
CA ALA D 44 8.04 6.40 -28.85
C ALA D 44 8.18 4.95 -29.38
N PRO D 45 9.39 4.37 -29.31
CA PRO D 45 9.61 3.05 -29.86
C PRO D 45 8.68 2.05 -29.19
N ASN D 46 8.43 2.19 -27.89
CA ASN D 46 7.54 1.22 -27.24
C ASN D 46 6.10 1.33 -27.77
N GLN D 47 5.62 2.49 -28.25
CA GLN D 47 4.29 2.54 -28.92
C GLN D 47 4.40 2.01 -30.34
N GLY D 48 5.53 2.26 -31.02
CA GLY D 48 5.75 1.62 -32.32
C GLY D 48 5.63 0.11 -32.19
N LYS D 49 6.27 -0.46 -31.16
CA LYS D 49 6.23 -1.92 -30.98
C LYS D 49 4.77 -2.36 -30.66
N LEU D 50 4.01 -1.51 -29.96
CA LEU D 50 2.57 -1.85 -29.76
C LEU D 50 1.89 -2.00 -31.12
N LEU D 51 2.15 -1.07 -32.02
CA LEU D 51 1.57 -1.12 -33.39
C LEU D 51 1.99 -2.40 -34.13
N GLN D 52 3.29 -2.72 -34.08
CA GLN D 52 3.81 -3.96 -34.64
C GLN D 52 3.06 -5.16 -34.09
N LEU D 53 2.90 -5.21 -32.77
CA LEU D 53 2.22 -6.34 -32.13
C LEU D 53 0.74 -6.37 -32.49
N LEU D 54 0.08 -5.23 -32.62
CA LEU D 54 -1.34 -5.22 -33.06
C LEU D 54 -1.45 -5.88 -34.44
N ALA D 55 -0.55 -5.55 -35.37
CA ALA D 55 -0.60 -6.10 -36.73
C ALA D 55 -0.34 -7.59 -36.68
N GLU D 56 0.64 -7.99 -35.84
CA GLU D 56 0.98 -9.42 -35.71
C GLU D 56 -0.19 -10.22 -35.12
N ILE D 57 -0.83 -9.68 -34.12
CA ILE D 57 -1.99 -10.37 -33.49
C ILE D 57 -3.13 -10.46 -34.49
N GLN D 58 -3.30 -9.45 -35.33
CA GLN D 58 -4.37 -9.47 -36.36
C GLN D 58 -4.07 -10.49 -37.44
N GLY D 59 -2.80 -10.86 -37.59
CA GLY D 59 -2.34 -11.73 -38.68
C GLY D 59 -2.23 -10.99 -39.99
N ALA D 60 -1.88 -9.71 -39.94
CA ALA D 60 -1.88 -8.89 -41.14
C ALA D 60 -0.88 -9.40 -42.16
N ARG D 61 -1.29 -9.38 -43.41
CA ARG D 61 -0.42 -9.64 -44.58
C ARG D 61 -0.31 -8.37 -45.42
N ARG D 62 -1.34 -7.52 -45.40
CA ARG D 62 -1.37 -6.29 -46.23
C ARG D 62 -1.73 -5.13 -45.32
N ILE D 63 -0.88 -4.09 -45.35
CA ILE D 63 -1.05 -2.89 -44.50
C ILE D 63 -1.01 -1.65 -45.37
N LEU D 64 -1.90 -0.73 -45.07
CA LEU D 64 -1.94 0.59 -45.68
C LEU D 64 -1.64 1.60 -44.57
N GLU D 65 -0.69 2.50 -44.74
CA GLU D 65 -0.40 3.62 -43.85
C GLU D 65 -0.76 4.91 -44.53
N ILE D 66 -1.60 5.70 -43.88
CA ILE D 66 -1.99 7.06 -44.37
C ILE D 66 -1.37 8.08 -43.44
N GLY D 67 -0.34 8.79 -43.91
CA GLY D 67 0.58 9.65 -43.14
C GLY D 67 1.77 8.84 -42.68
N GLY D 70 11.57 9.89 -42.90
CA GLY D 70 10.27 9.20 -42.87
C GLY D 70 10.43 7.69 -42.84
N GLY D 71 9.31 6.96 -42.71
CA GLY D 71 9.34 5.50 -42.66
C GLY D 71 9.44 4.95 -41.24
N TYR D 72 9.33 5.74 -40.16
CA TYR D 72 9.54 5.23 -38.76
C TYR D 72 8.34 4.39 -38.24
N SER D 73 7.10 4.88 -38.07
CA SER D 73 5.94 3.96 -37.82
C SER D 73 5.90 2.90 -38.93
N THR D 74 6.24 3.28 -40.15
CA THR D 74 6.28 2.35 -41.29
C THR D 74 7.22 1.16 -41.04
N ILE D 75 8.36 1.36 -40.35
CA ILE D 75 9.29 0.25 -40.05
C ILE D 75 8.60 -0.68 -39.03
N TRP D 76 7.97 -0.14 -38.00
CA TRP D 76 7.29 -1.00 -37.00
C TRP D 76 6.20 -1.84 -37.68
N LEU D 77 5.36 -1.21 -38.51
CA LEU D 77 4.30 -1.95 -39.24
C LEU D 77 4.92 -3.00 -40.14
N GLY D 78 5.94 -2.62 -40.90
CA GLY D 78 6.55 -3.55 -41.85
C GLY D 78 7.13 -4.79 -41.17
N ARG D 79 7.69 -4.61 -39.98
CA ARG D 79 8.28 -5.69 -39.17
C ARG D 79 7.24 -6.75 -38.80
N ALA D 80 5.95 -6.40 -38.81
CA ALA D 80 4.90 -7.40 -38.50
C ALA D 80 4.63 -8.35 -39.65
N LEU D 81 5.05 -8.01 -40.85
CA LEU D 81 4.55 -8.69 -42.06
C LEU D 81 5.39 -9.91 -42.42
N PRO D 82 4.74 -10.89 -43.04
CA PRO D 82 5.49 -11.98 -43.67
C PRO D 82 6.22 -11.54 -44.96
N ARG D 83 7.02 -12.43 -45.54
CA ARG D 83 7.81 -12.14 -46.76
C ARG D 83 6.94 -11.95 -48.01
N ASP D 84 5.74 -12.49 -48.06
CA ASP D 84 4.81 -12.29 -49.21
C ASP D 84 3.88 -11.13 -48.86
N GLY D 85 4.18 -10.40 -47.76
CA GLY D 85 3.33 -9.29 -47.31
C GLY D 85 3.47 -8.04 -48.15
N ARG D 86 2.58 -7.06 -47.98
CA ARG D 86 2.64 -5.78 -48.70
C ARG D 86 2.31 -4.65 -47.73
N LEU D 87 3.14 -3.62 -47.71
CA LEU D 87 2.93 -2.39 -46.92
C LEU D 87 2.98 -1.22 -47.90
N ILE D 88 1.86 -0.55 -48.06
CA ILE D 88 1.78 0.66 -48.90
C ILE D 88 1.74 1.88 -48.00
N SER D 89 2.52 2.88 -48.24
CA SER D 89 2.57 4.12 -47.48
C SER D 89 2.70 5.29 -48.45
N PHE D 90 2.52 6.50 -47.97
CA PHE D 90 2.50 7.71 -48.81
C PHE D 90 3.54 8.69 -48.32
N GLU D 91 4.25 9.30 -49.25
CA GLU D 91 5.12 10.46 -48.99
C GLU D 91 4.81 11.56 -49.99
N TYR D 92 5.01 12.80 -49.57
CA TYR D 92 4.39 13.97 -50.25
C TYR D 92 5.07 14.21 -51.59
N ASP D 93 6.40 13.97 -51.67
CA ASP D 93 7.22 14.28 -52.84
C ASP D 93 8.38 13.27 -52.91
N ALA D 94 9.15 13.36 -53.98
CA ALA D 94 10.24 12.43 -54.29
C ALA D 94 11.22 12.41 -53.11
N LYS D 95 11.63 13.57 -52.62
CA LYS D 95 12.67 13.58 -51.55
C LYS D 95 12.20 12.86 -50.31
N HIS D 96 10.95 13.09 -49.88
CA HIS D 96 10.41 12.40 -48.70
C HIS D 96 10.34 10.90 -49.02
N ALA D 97 9.96 10.54 -50.22
CA ALA D 97 9.85 9.14 -50.63
C ALA D 97 11.22 8.48 -50.61
N GLU D 98 12.26 9.21 -51.03
CA GLU D 98 13.62 8.65 -51.03
C GLU D 98 14.07 8.37 -49.61
N VAL D 99 13.81 9.30 -48.70
CA VAL D 99 14.23 9.11 -47.28
C VAL D 99 13.56 7.86 -46.76
N ALA D 100 12.25 7.72 -46.99
CA ALA D 100 11.49 6.56 -46.48
C ALA D 100 12.01 5.29 -47.12
N ARG D 101 12.19 5.27 -48.45
CA ARG D 101 12.56 4.05 -49.13
C ARG D 101 13.92 3.53 -48.66
N ARG D 102 14.87 4.44 -48.48
CA ARG D 102 16.19 4.01 -48.00
C ARG D 102 16.10 3.49 -46.56
N ASN D 103 15.26 4.13 -45.76
CA ASN D 103 15.10 3.71 -44.34
C ASN D 103 14.39 2.38 -44.26
N LEU D 104 13.37 2.19 -45.11
CA LEU D 104 12.65 0.90 -45.11
C LEU D 104 13.54 -0.23 -45.66
N ALA D 105 14.36 0.03 -46.65
CA ALA D 105 15.30 -0.96 -47.23
C ALA D 105 16.32 -1.36 -46.18
N ARG D 106 16.80 -0.39 -45.43
CA ARG D 106 17.84 -0.68 -44.40
C ARG D 106 17.23 -1.56 -43.32
N ALA D 107 15.93 -1.42 -43.06
CA ALA D 107 15.17 -2.19 -42.06
C ALA D 107 14.80 -3.57 -42.60
N GLY D 108 15.22 -3.92 -43.81
CA GLY D 108 15.00 -5.22 -44.47
C GLY D 108 13.60 -5.33 -45.03
N LEU D 109 12.99 -4.21 -45.40
CA LEU D 109 11.55 -4.24 -45.81
C LEU D 109 11.34 -3.87 -47.28
N ASP D 110 12.35 -3.67 -48.10
CA ASP D 110 12.06 -3.05 -49.42
C ASP D 110 11.27 -3.99 -50.35
N GLY D 111 11.29 -5.31 -50.13
CA GLY D 111 10.51 -6.25 -50.94
C GLY D 111 9.04 -6.27 -50.57
N ILE D 112 8.68 -5.71 -49.41
CA ILE D 112 7.28 -5.67 -48.88
C ILE D 112 6.76 -4.24 -48.91
N SER D 113 7.64 -3.25 -48.83
CA SER D 113 7.30 -1.80 -48.79
C SER D 113 7.08 -1.26 -50.21
N GLU D 114 5.99 -0.51 -50.44
CA GLU D 114 5.84 0.35 -51.64
C GLU D 114 5.46 1.73 -51.11
N VAL D 115 6.24 2.75 -51.38
CA VAL D 115 5.95 4.15 -51.03
C VAL D 115 5.35 4.83 -52.26
N ARG D 116 4.17 5.38 -52.12
CA ARG D 116 3.50 6.10 -53.22
C ARG D 116 3.81 7.57 -53.01
N VAL D 117 4.04 8.29 -54.11
CA VAL D 117 4.46 9.72 -54.03
C VAL D 117 3.26 10.62 -54.35
N GLY D 118 3.02 11.57 -53.45
CA GLY D 118 2.00 12.63 -53.62
C GLY D 118 1.25 12.86 -52.31
N PRO D 119 0.45 13.94 -52.26
CA PRO D 119 -0.47 14.18 -51.16
C PRO D 119 -1.40 12.96 -51.00
N ALA D 120 -1.65 12.54 -49.77
CA ALA D 120 -2.55 11.40 -49.45
C ALA D 120 -3.92 11.64 -50.09
N LEU D 121 -4.43 12.87 -50.05
CA LEU D 121 -5.77 13.17 -50.62
C LEU D 121 -5.83 12.90 -52.12
N GLU D 122 -4.71 13.04 -52.85
CA GLU D 122 -4.65 12.69 -54.29
C GLU D 122 -4.32 11.20 -54.44
N SER D 123 -3.43 10.68 -53.62
CA SER D 123 -2.93 9.31 -53.86
C SER D 123 -3.98 8.28 -53.46
N LEU D 124 -4.83 8.57 -52.48
CA LEU D 124 -5.79 7.56 -52.05
C LEU D 124 -6.83 7.26 -53.13
N PRO D 125 -7.53 8.22 -53.75
CA PRO D 125 -8.48 7.86 -54.78
C PRO D 125 -7.77 7.14 -55.92
N LYS D 126 -6.53 7.52 -56.27
CA LYS D 126 -5.79 6.83 -57.36
C LYS D 126 -5.63 5.37 -56.95
N LEU D 127 -5.16 5.14 -55.74
CA LEU D 127 -4.97 3.76 -55.27
C LEU D 127 -6.30 3.01 -55.32
N ALA D 128 -7.37 3.59 -54.76
CA ALA D 128 -8.66 2.89 -54.69
C ALA D 128 -9.13 2.56 -56.11
N ASP D 129 -8.92 3.48 -57.03
CA ASP D 129 -9.39 3.33 -58.44
C ASP D 129 -8.56 2.29 -59.20
N GLU D 130 -7.38 1.92 -58.69
CA GLU D 130 -6.65 0.75 -59.22
C GLU D 130 -7.35 -0.53 -58.80
N ARG D 131 -8.19 -0.54 -57.77
CA ARG D 131 -8.89 -1.75 -57.31
C ARG D 131 -7.92 -2.76 -56.76
N PRO D 132 -7.12 -2.36 -55.76
CA PRO D 132 -6.17 -3.29 -55.15
C PRO D 132 -6.86 -4.29 -54.25
N GLU D 133 -6.14 -5.36 -53.93
CA GLU D 133 -6.64 -6.32 -52.94
C GLU D 133 -6.85 -5.56 -51.62
N PRO D 134 -7.88 -5.91 -50.85
CA PRO D 134 -8.11 -5.27 -49.56
C PRO D 134 -6.92 -5.38 -48.60
N PHE D 135 -6.90 -4.45 -47.65
CA PHE D 135 -5.86 -4.41 -46.61
C PHE D 135 -6.40 -5.02 -45.33
N ASP D 136 -5.48 -5.59 -44.58
CA ASP D 136 -5.78 -6.18 -43.25
C ASP D 136 -5.72 -5.16 -42.15
N LEU D 137 -4.86 -4.15 -42.26
CA LEU D 137 -4.72 -3.11 -41.24
C LEU D 137 -4.45 -1.78 -41.95
N VAL D 138 -5.22 -0.77 -41.59
CA VAL D 138 -4.95 0.61 -42.05
C VAL D 138 -4.57 1.44 -40.86
N PHE D 139 -3.42 2.08 -40.90
CA PHE D 139 -2.92 2.97 -39.86
C PHE D 139 -3.04 4.40 -40.36
N ILE D 140 -3.76 5.22 -39.65
CA ILE D 140 -4.00 6.64 -40.03
C ILE D 140 -3.30 7.55 -39.04
N ASP D 141 -2.30 8.31 -39.49
CA ASP D 141 -1.53 9.29 -38.68
C ASP D 141 -1.19 10.43 -39.62
N ALA D 142 -2.21 11.16 -40.01
CA ALA D 142 -2.09 12.16 -41.09
C ALA D 142 -2.63 13.47 -40.56
N ASP D 143 -3.05 14.37 -41.44
CA ASP D 143 -3.74 15.61 -41.04
C ASP D 143 -5.12 15.25 -40.50
N LYS D 144 -5.38 15.64 -39.27
CA LYS D 144 -6.63 15.28 -38.57
C LYS D 144 -7.82 15.95 -39.22
N VAL D 145 -7.61 17.04 -39.94
CA VAL D 145 -8.74 17.72 -40.62
C VAL D 145 -9.52 16.71 -41.45
N ASN D 146 -8.81 15.82 -42.17
CA ASN D 146 -9.42 14.86 -43.11
C ASN D 146 -9.49 13.45 -42.51
N ASN D 147 -9.42 13.31 -41.19
CA ASN D 147 -9.46 11.97 -40.56
C ASN D 147 -10.72 11.19 -40.96
N PRO D 148 -11.92 11.81 -41.04
CA PRO D 148 -13.10 11.04 -41.39
C PRO D 148 -12.96 10.48 -42.79
N HIS D 149 -12.53 11.33 -43.71
CA HIS D 149 -12.30 10.92 -45.10
C HIS D 149 -11.34 9.73 -45.15
N TYR D 150 -10.28 9.78 -44.37
CA TYR D 150 -9.29 8.66 -44.34
C TYR D 150 -9.94 7.40 -43.81
N VAL D 151 -10.83 7.51 -42.82
CA VAL D 151 -11.54 6.31 -42.32
C VAL D 151 -12.46 5.79 -43.41
N GLU D 152 -13.14 6.67 -44.17
CA GLU D 152 -14.00 6.24 -45.31
C GLU D 152 -13.15 5.51 -46.34
N TRP D 153 -11.97 6.01 -46.70
CA TRP D 153 -11.10 5.26 -47.64
C TRP D 153 -10.74 3.93 -46.98
N ALA D 154 -10.43 3.90 -45.69
CA ALA D 154 -10.07 2.64 -44.99
C ALA D 154 -11.23 1.65 -45.13
N LEU D 155 -12.47 2.09 -44.94
CA LEU D 155 -13.63 1.18 -45.10
C LEU D 155 -13.70 0.66 -46.53
N LYS D 156 -13.45 1.49 -47.54
CA LYS D 156 -13.52 1.07 -48.95
C LYS D 156 -12.42 0.06 -49.26
N LEU D 157 -11.32 0.03 -48.49
CA LEU D 157 -10.07 -0.69 -48.84
C LEU D 157 -9.79 -1.83 -47.87
N THR D 158 -10.73 -2.18 -47.00
CA THR D 158 -10.58 -3.30 -46.04
C THR D 158 -11.64 -4.38 -46.31
N ARG D 159 -11.65 -5.37 -45.46
CA ARG D 159 -12.61 -6.49 -45.54
C ARG D 159 -13.02 -6.81 -44.13
N PRO D 160 -14.04 -7.68 -43.94
CA PRO D 160 -14.42 -8.03 -42.60
C PRO D 160 -13.26 -8.67 -41.82
N GLY D 161 -13.04 -8.19 -40.60
CA GLY D 161 -11.93 -8.63 -39.74
C GLY D 161 -10.71 -7.76 -39.79
N SER D 162 -10.66 -6.87 -40.77
CA SER D 162 -9.58 -5.85 -40.82
C SER D 162 -9.60 -4.95 -39.59
N LEU D 163 -8.51 -4.28 -39.33
CA LEU D 163 -8.32 -3.35 -38.20
C LEU D 163 -7.96 -1.99 -38.76
N ILE D 164 -8.54 -0.96 -38.20
CA ILE D 164 -8.20 0.45 -38.48
C ILE D 164 -7.64 1.03 -37.20
N VAL D 165 -6.48 1.66 -37.27
CA VAL D 165 -5.83 2.29 -36.10
C VAL D 165 -5.65 3.76 -36.42
N VAL D 166 -6.14 4.60 -35.54
CA VAL D 166 -6.05 6.08 -35.74
C VAL D 166 -5.16 6.59 -34.63
N ASP D 167 -4.06 7.21 -34.99
CA ASP D 167 -3.15 7.81 -33.98
C ASP D 167 -3.57 9.24 -33.66
N ASN D 168 -3.20 9.66 -32.48
CA ASN D 168 -3.24 11.09 -32.07
C ASN D 168 -4.70 11.60 -32.05
N VAL D 169 -5.54 10.96 -31.24
CA VAL D 169 -6.98 11.30 -31.18
C VAL D 169 -7.36 12.08 -29.92
N VAL D 170 -6.38 12.43 -29.08
CA VAL D 170 -6.66 13.14 -27.82
C VAL D 170 -6.48 14.66 -27.98
N ARG D 171 -5.64 15.12 -28.90
CA ARG D 171 -5.49 16.60 -29.17
C ARG D 171 -5.19 17.36 -27.88
N GLY D 172 -4.34 16.82 -27.03
CA GLY D 172 -3.99 17.47 -25.73
C GLY D 172 -5.16 17.59 -24.76
N GLY D 173 -6.24 16.83 -24.94
CA GLY D 173 -7.46 16.95 -24.14
C GLY D 173 -8.51 17.74 -24.89
N GLY D 174 -8.13 18.39 -25.98
CA GLY D 174 -9.07 19.22 -26.76
C GLY D 174 -10.17 18.45 -27.45
N VAL D 175 -10.02 17.14 -27.56
CA VAL D 175 -11.01 16.34 -28.32
C VAL D 175 -12.39 16.39 -27.65
N THR D 176 -12.50 16.76 -26.37
CA THR D 176 -13.82 16.75 -25.70
C THR D 176 -14.59 18.06 -25.99
N ASP D 177 -14.01 19.02 -26.69
CA ASP D 177 -14.68 20.32 -26.91
C ASP D 177 -15.61 20.23 -28.13
N ALA D 178 -16.88 19.98 -27.93
CA ALA D 178 -17.88 19.94 -29.03
C ALA D 178 -17.96 21.28 -29.76
N GLY D 179 -17.53 22.35 -29.11
CA GLY D 179 -17.67 23.72 -29.68
C GLY D 179 -16.42 24.15 -30.37
N SER D 180 -15.35 23.35 -30.38
CA SER D 180 -14.06 23.72 -30.99
C SER D 180 -14.28 24.13 -32.45
N THR D 181 -13.61 25.20 -32.86
CA THR D 181 -13.52 25.58 -34.29
C THR D 181 -12.33 24.94 -34.97
N ASP D 182 -11.45 24.32 -34.21
CA ASP D 182 -10.15 23.88 -34.70
C ASP D 182 -10.40 22.75 -35.68
N PRO D 183 -9.95 22.82 -36.94
CA PRO D 183 -10.23 21.76 -37.91
C PRO D 183 -9.71 20.40 -37.46
N SER D 184 -8.58 20.34 -36.78
CA SER D 184 -8.03 19.05 -36.31
C SER D 184 -8.91 18.47 -35.22
N VAL D 185 -9.41 19.26 -34.29
CA VAL D 185 -10.34 18.74 -33.23
C VAL D 185 -11.61 18.26 -33.93
N ARG D 186 -12.18 19.05 -34.83
CA ARG D 186 -13.45 18.66 -35.47
C ARG D 186 -13.27 17.36 -36.26
N GLY D 187 -12.16 17.23 -36.96
CA GLY D 187 -11.99 16.05 -37.81
C GLY D 187 -11.71 14.84 -36.94
N THR D 188 -11.04 15.02 -35.82
CA THR D 188 -10.83 13.89 -34.89
C THR D 188 -12.18 13.46 -34.33
N ARG D 189 -12.95 14.37 -33.79
CA ARG D 189 -14.25 14.07 -33.19
C ARG D 189 -15.14 13.40 -34.22
N SER D 190 -15.15 13.89 -35.47
N SER D 190 -15.15 13.91 -35.46
CA SER D 190 -16.01 13.27 -36.52
CA SER D 190 -15.97 13.33 -36.55
C SER D 190 -15.52 11.87 -36.85
C SER D 190 -15.52 11.89 -36.84
N ALA D 191 -14.22 11.65 -36.88
CA ALA D 191 -13.72 10.28 -37.14
C ALA D 191 -14.11 9.36 -35.99
N LEU D 192 -13.99 9.77 -34.73
CA LEU D 192 -14.40 8.89 -33.63
C LEU D 192 -15.92 8.64 -33.72
N GLU D 193 -16.67 9.67 -34.05
CA GLU D 193 -18.15 9.50 -34.18
C GLU D 193 -18.46 8.52 -35.31
N LEU D 194 -17.71 8.59 -36.41
CA LEU D 194 -17.92 7.64 -37.52
C LEU D 194 -17.68 6.22 -37.03
N ILE D 195 -16.58 5.97 -36.32
CA ILE D 195 -16.31 4.60 -35.75
C ILE D 195 -17.50 4.18 -34.91
N ALA D 196 -17.99 5.01 -34.02
CA ALA D 196 -19.07 4.67 -33.12
C ALA D 196 -20.31 4.33 -33.93
N GLU D 197 -20.74 5.22 -34.81
CA GLU D 197 -22.08 5.07 -35.44
C GLU D 197 -22.06 4.03 -36.55
N HIS D 198 -20.95 3.82 -37.24
CA HIS D 198 -20.94 2.93 -38.41
C HIS D 198 -21.27 1.53 -37.91
N PRO D 199 -22.27 0.86 -38.54
CA PRO D 199 -22.62 -0.48 -38.12
C PRO D 199 -21.54 -1.55 -38.35
N LYS D 200 -20.56 -1.25 -39.20
CA LYS D 200 -19.49 -2.24 -39.52
C LYS D 200 -18.25 -1.98 -38.69
N LEU D 201 -18.28 -1.07 -37.70
CA LEU D 201 -17.05 -0.78 -36.94
C LEU D 201 -17.33 -0.90 -35.48
N SER D 202 -16.46 -1.55 -34.75
CA SER D 202 -16.50 -1.58 -33.28
C SER D 202 -15.15 -1.06 -32.78
N GLY D 203 -15.13 -0.01 -31.97
CA GLY D 203 -13.84 0.53 -31.60
C GLY D 203 -13.76 1.00 -30.18
N THR D 204 -12.63 1.61 -29.86
CA THR D 204 -12.35 2.23 -28.57
C THR D 204 -11.23 3.23 -28.79
N ALA D 205 -11.00 4.05 -27.80
CA ALA D 205 -9.87 4.97 -27.78
C ALA D 205 -9.35 5.02 -26.37
N VAL D 206 -8.06 5.25 -26.24
CA VAL D 206 -7.37 5.26 -24.93
CA VAL D 206 -7.39 5.27 -24.93
C VAL D 206 -6.36 6.40 -24.93
N GLN D 207 -6.17 7.00 -23.76
CA GLN D 207 -5.16 8.07 -23.58
C GLN D 207 -3.83 7.47 -23.17
N THR D 208 -2.79 8.07 -23.69
CA THR D 208 -1.41 7.64 -23.39
C THR D 208 -0.60 8.85 -22.97
N VAL D 209 0.48 8.57 -22.28
CA VAL D 209 1.54 9.55 -22.04
C VAL D 209 2.87 8.87 -22.30
N GLY D 210 3.93 9.65 -22.40
CA GLY D 210 5.23 9.09 -22.76
C GLY D 210 6.10 10.15 -23.43
N SER D 211 7.06 9.70 -24.19
CA SER D 211 8.07 10.60 -24.79
C SER D 211 7.43 11.49 -25.84
N LYS D 212 6.23 11.18 -26.34
CA LYS D 212 5.51 12.01 -27.34
C LYS D 212 4.56 12.98 -26.63
N GLY D 213 4.54 12.99 -25.30
CA GLY D 213 3.63 13.78 -24.49
C GLY D 213 2.30 13.10 -24.29
N TYR D 214 1.28 13.90 -24.06
CA TYR D 214 -0.07 13.42 -23.70
C TYR D 214 -0.87 13.31 -24.98
N ASP D 215 -1.32 12.11 -25.30
CA ASP D 215 -2.15 11.92 -26.51
C ASP D 215 -2.92 10.62 -26.34
N GLY D 216 -3.18 9.91 -27.44
CA GLY D 216 -3.86 8.63 -27.38
C GLY D 216 -4.22 8.16 -28.74
N PHE D 217 -4.81 6.98 -28.82
CA PHE D 217 -5.07 6.34 -30.11
C PHE D 217 -6.45 5.70 -30.08
N ALA D 218 -6.99 5.45 -31.25
CA ALA D 218 -8.25 4.71 -31.44
C ALA D 218 -7.99 3.44 -32.23
N LEU D 219 -8.74 2.39 -31.93
CA LEU D 219 -8.71 1.10 -32.65
C LEU D 219 -10.12 0.87 -33.13
N ALA D 220 -10.30 0.34 -34.32
CA ALA D 220 -11.65 -0.06 -34.78
C ALA D 220 -11.53 -1.33 -35.58
N ARG D 221 -12.34 -2.32 -35.26
CA ARG D 221 -12.36 -3.59 -35.99
C ARG D 221 -13.52 -3.55 -36.96
N VAL D 222 -13.27 -3.99 -38.17
CA VAL D 222 -14.32 -4.14 -39.21
C VAL D 222 -15.05 -5.48 -38.95
N LEU D 223 -16.37 -5.43 -38.82
CA LEU D 223 -17.17 -6.64 -38.43
C LEU D 223 -17.41 -7.53 -39.67
C1 GOL E . 24.55 2.95 22.92
O1 GOL E . 24.03 4.24 22.59
C2 GOL E . 26.04 2.84 22.67
O2 GOL E . 26.78 3.84 23.38
C3 GOL E . 26.57 1.49 23.08
O3 GOL E . 26.08 0.49 22.20
H11 GOL E . 24.08 2.27 22.39
H12 GOL E . 24.37 2.77 23.88
HO1 GOL E . 23.20 4.25 22.75
H2 GOL E . 26.20 2.96 21.70
HO2 GOL E . 27.34 3.44 23.87
H31 GOL E . 26.28 1.28 24.00
H32 GOL E . 27.55 1.49 23.05
HO3 GOL E . 26.40 0.67 21.31
C1 GOL F . -19.81 6.09 -56.58
O1 GOL F . -20.09 7.24 -57.36
C2 GOL F . -19.64 4.85 -57.40
O2 GOL F . -18.55 5.05 -58.31
C3 GOL F . -19.51 3.63 -56.52
O3 GOL F . -18.16 3.32 -56.13
H11 GOL F . -20.54 5.95 -55.92
H12 GOL F . -18.98 6.25 -56.07
HO1 GOL F . -20.17 7.90 -56.83
H2 GOL F . -20.47 4.74 -57.94
HO2 GOL F . -17.99 4.42 -58.19
H31 GOL F . -19.88 2.86 -56.99
H32 GOL F . -20.05 3.77 -55.70
HO3 GOL F . -17.65 3.91 -56.44
#